data_2OXE
#
_entry.id   2OXE
#
_cell.length_a   216.922
_cell.length_b   216.922
_cell.length_c   123.618
_cell.angle_alpha   90.00
_cell.angle_beta   90.00
_cell.angle_gamma   90.00
#
_symmetry.space_group_name_H-M   'I 41 2 2'
#
loop_
_entity.id
_entity.type
_entity.pdbx_description
1 polymer 'Pancreatic lipase-related protein 2'
2 branched alpha-D-mannopyranose-(1-3)-[alpha-D-mannopyranose-(1-6)]alpha-D-mannopyranose-(1-4)-2-acetamido-2-deoxy-beta-D-glucopyranose-(1-4)-2-acetamido-2-deoxy-beta-D-glucopyranose
3 non-polymer 'CALCIUM ION'
4 non-polymer 'CHLORIDE ION'
5 water water
#
_entity_poly.entity_id   1
_entity_poly.type   'polypeptide(L)'
_entity_poly.pdbx_seq_one_letter_code
;AAKEVCYGQLGCFSDEKPWAGTLQRPVKLLPWSPEDIDTRFLLYTNENPNNFQLITGTEPDTIEASNFQLDRKTRFIIHG
FLDKAEDSWPSDMCKKMFEVEKVNCICVDWRHGSRAMYTQAVQNIRVVGAETAFLIQALSTQLGYSLEDVHVIGHSLGAH
TAAEAGRRLGGRVGRITGLDPAGPCFQDEPEEVRLDPSDAVFVDVIHTDSSPIVPSLGFGMSQKVGHLDFFPNGGKEMPG
CKKNVLSTITDIDGIWEGIGGFVSCNHLRSFEYYSSSVLNPDGFLGYPCASYDEFQESKCFPCPAEGCPKMGHYADQFKG
KTSAVEQTFFLNTGESGNFTSWRYKVSVTLSGKEKVNGYIRIALYGSNENSKQYEIFKGSLKPDASHTCAIDVDFNVGKI
QKVKFLWNKRGINLSEPKLGASQITVQSGEDGTEYNFCSSDTVEENVLQSLYPCEFVEHHHHHHHH
;
_entity_poly.pdbx_strand_id   A,B
#
loop_
_chem_comp.id
_chem_comp.type
_chem_comp.name
_chem_comp.formula
CA non-polymer 'CALCIUM ION' 'Ca 2'
CL non-polymer 'CHLORIDE ION' 'Cl -1'
MAN D-saccharide, alpha linking alpha-D-mannopyranose 'C6 H12 O6'
NAG D-saccharide, beta linking 2-acetamido-2-deoxy-beta-D-glucopyranose 'C8 H15 N O6'
#
# COMPACT_ATOMS: atom_id res chain seq x y z
N LYS A 3 -39.23 11.05 -2.54
CA LYS A 3 -39.60 11.35 -1.12
C LYS A 3 -38.71 12.42 -0.49
N GLU A 4 -39.31 13.26 0.36
CA GLU A 4 -38.63 14.41 0.98
C GLU A 4 -39.28 14.84 2.29
N VAL A 5 -38.51 15.54 3.12
CA VAL A 5 -39.04 16.13 4.33
C VAL A 5 -38.70 17.61 4.34
N CYS A 6 -39.54 18.42 4.95
CA CYS A 6 -39.27 19.86 5.07
C CYS A 6 -39.32 20.29 6.51
N TYR A 7 -38.42 21.21 6.87
CA TYR A 7 -38.30 21.65 8.24
C TYR A 7 -38.43 23.16 8.41
N GLY A 8 -39.63 23.65 8.14
CA GLY A 8 -39.89 25.08 8.21
C GLY A 8 -38.83 25.85 7.46
N GLN A 9 -38.20 26.80 8.15
CA GLN A 9 -37.31 27.76 7.49
C GLN A 9 -35.98 27.16 7.02
N LEU A 10 -35.68 25.95 7.45
CA LEU A 10 -34.47 25.28 6.98
C LEU A 10 -34.68 24.63 5.61
N GLY A 11 -35.91 24.67 5.12
CA GLY A 11 -36.21 24.19 3.78
C GLY A 11 -36.40 22.70 3.71
N CYS A 12 -36.29 22.17 2.49
CA CYS A 12 -36.56 20.77 2.20
C CYS A 12 -35.31 19.96 1.90
N PHE A 13 -35.40 18.66 2.18
CA PHE A 13 -34.30 17.74 2.01
C PHE A 13 -34.87 16.50 1.38
N SER A 14 -34.41 16.13 0.19
CA SER A 14 -34.92 14.92 -0.46
C SER A 14 -33.91 13.78 -0.47
N ASP A 15 -34.39 12.58 -0.81
CA ASP A 15 -33.55 11.38 -0.87
C ASP A 15 -33.20 11.01 -2.29
N GLU A 16 -33.46 11.92 -3.22
CA GLU A 16 -33.08 11.75 -4.60
C GLU A 16 -31.55 11.68 -4.70
N LYS A 17 -31.06 11.07 -5.77
CA LYS A 17 -29.63 11.06 -6.07
C LYS A 17 -29.12 12.49 -6.17
N PRO A 18 -27.90 12.76 -5.65
CA PRO A 18 -26.95 11.86 -5.04
C PRO A 18 -27.01 11.78 -3.50
N TRP A 19 -28.07 12.29 -2.89
CA TRP A 19 -28.20 12.23 -1.43
C TRP A 19 -28.36 10.79 -0.92
N ALA A 20 -29.05 9.96 -1.69
CA ALA A 20 -29.31 8.58 -1.29
C ALA A 20 -29.62 7.78 -2.51
N GLY A 21 -29.80 6.47 -2.33
CA GLY A 21 -30.16 5.57 -3.41
C GLY A 21 -29.09 5.42 -4.47
N THR A 22 -27.83 5.50 -4.05
CA THR A 22 -26.66 5.36 -4.92
C THR A 22 -25.80 4.25 -4.35
N LEU A 23 -24.89 3.68 -5.15
CA LEU A 23 -24.01 2.61 -4.65
C LEU A 23 -23.41 2.92 -3.28
N GLN A 24 -22.76 4.07 -3.15
CA GLN A 24 -22.10 4.47 -1.90
C GLN A 24 -23.10 4.71 -0.76
N ARG A 25 -24.34 5.06 -1.12
CA ARG A 25 -25.40 5.33 -0.15
C ARG A 25 -26.65 4.53 -0.53
N PRO A 26 -26.61 3.19 -0.40
CA PRO A 26 -27.72 2.40 -0.98
C PRO A 26 -29.09 2.73 -0.40
N VAL A 27 -29.24 2.66 0.91
CA VAL A 27 -30.55 2.84 1.54
C VAL A 27 -30.99 4.29 1.45
N LYS A 28 -32.25 4.49 1.08
CA LYS A 28 -32.83 5.83 1.03
C LYS A 28 -33.21 6.33 2.42
N LEU A 29 -32.32 7.13 3.02
CA LEU A 29 -32.59 7.75 4.32
C LEU A 29 -32.92 9.22 4.14
N LEU A 30 -33.51 9.81 5.17
CA LEU A 30 -33.70 11.26 5.23
C LEU A 30 -33.31 11.75 6.61
N PRO A 31 -32.78 12.97 6.70
CA PRO A 31 -32.33 13.52 7.99
C PRO A 31 -33.42 13.56 9.06
N TRP A 32 -32.98 13.56 10.32
CA TRP A 32 -33.86 13.72 11.49
C TRP A 32 -34.34 15.16 11.60
N SER A 33 -35.31 15.40 12.48
CA SER A 33 -35.82 16.75 12.69
C SER A 33 -34.76 17.63 13.36
N PRO A 34 -34.77 18.94 13.08
CA PRO A 34 -33.86 19.87 13.75
C PRO A 34 -33.88 19.73 15.26
N GLU A 35 -35.05 19.44 15.83
CA GLU A 35 -35.19 19.27 17.28
C GLU A 35 -34.56 17.97 17.75
N ASP A 36 -34.54 16.96 16.89
CA ASP A 36 -33.93 15.68 17.25
C ASP A 36 -32.43 15.69 17.07
N ILE A 37 -31.94 16.55 16.18
CA ILE A 37 -30.50 16.71 15.99
C ILE A 37 -29.96 17.68 17.04
N ASP A 38 -30.80 18.62 17.44
CA ASP A 38 -30.54 19.55 18.53
C ASP A 38 -29.23 20.34 18.34
N THR A 39 -29.04 20.90 17.15
CA THR A 39 -27.86 21.73 16.87
C THR A 39 -27.80 22.94 17.80
N ARG A 40 -26.63 23.15 18.42
CA ARG A 40 -26.41 24.27 19.34
C ARG A 40 -25.12 24.98 18.97
N PHE A 41 -25.17 26.30 18.93
CA PHE A 41 -23.98 27.09 18.64
C PHE A 41 -23.43 27.69 19.92
N LEU A 42 -22.30 27.16 20.37
CA LEU A 42 -21.65 27.60 21.59
C LEU A 42 -20.55 28.58 21.23
N LEU A 43 -20.77 29.85 21.57
CA LEU A 43 -19.83 30.91 21.28
C LEU A 43 -18.83 31.07 22.41
N TYR A 44 -17.56 30.98 22.06
CA TYR A 44 -16.46 31.32 22.96
C TYR A 44 -15.80 32.62 22.52
N THR A 45 -15.31 33.39 23.48
CA THR A 45 -14.67 34.66 23.20
C THR A 45 -13.48 34.83 24.11
N ASN A 46 -12.56 35.73 23.74
CA ASN A 46 -11.43 36.05 24.59
C ASN A 46 -11.90 36.38 26.00
N GLU A 47 -13.02 37.09 26.08
CA GLU A 47 -13.62 37.45 27.36
C GLU A 47 -14.40 36.31 28.02
N ASN A 48 -14.87 35.35 27.23
CA ASN A 48 -15.45 34.13 27.80
C ASN A 48 -14.87 32.88 27.15
N PRO A 49 -13.65 32.50 27.57
CA PRO A 49 -12.92 31.43 26.91
C PRO A 49 -13.32 30.04 27.37
N ASN A 50 -13.80 29.95 28.61
CA ASN A 50 -14.08 28.67 29.23
C ASN A 50 -15.54 28.31 29.16
N ASN A 51 -16.39 29.27 29.48
CA ASN A 51 -17.84 29.04 29.50
C ASN A 51 -18.53 29.70 28.32
N PHE A 52 -19.16 28.87 27.50
CA PHE A 52 -19.78 29.33 26.25
C PHE A 52 -21.02 30.19 26.47
N GLN A 53 -21.32 31.01 25.45
CA GLN A 53 -22.60 31.68 25.34
C GLN A 53 -23.36 31.05 24.17
N LEU A 54 -24.64 30.81 24.40
CA LEU A 54 -25.50 30.09 23.46
C LEU A 54 -26.20 31.08 22.53
N ILE A 55 -25.89 31.02 21.25
CA ILE A 55 -26.50 31.94 20.27
C ILE A 55 -27.24 31.23 19.15
N THR A 56 -28.31 31.87 18.67
CA THR A 56 -29.14 31.33 17.61
C THR A 56 -29.39 32.36 16.51
N GLY A 57 -29.64 31.86 15.30
CA GLY A 57 -30.00 32.70 14.16
C GLY A 57 -31.47 33.03 14.13
N THR A 58 -32.28 32.17 14.74
CA THR A 58 -33.72 32.38 14.85
C THR A 58 -34.02 33.65 15.64
N GLU A 59 -33.31 33.82 16.76
CA GLU A 59 -33.44 35.00 17.59
C GLU A 59 -32.09 35.72 17.69
N PRO A 60 -31.76 36.56 16.69
CA PRO A 60 -30.47 37.24 16.64
C PRO A 60 -30.34 38.39 17.64
N ASP A 61 -31.24 38.46 18.61
CA ASP A 61 -31.05 39.31 19.78
C ASP A 61 -30.09 38.62 20.75
N THR A 62 -30.02 37.29 20.65
CA THR A 62 -29.07 36.50 21.42
C THR A 62 -27.63 36.91 21.11
N ILE A 63 -27.35 37.16 19.83
CA ILE A 63 -26.02 37.59 19.37
C ILE A 63 -25.64 38.94 19.96
N GLU A 64 -26.50 39.93 19.78
CA GLU A 64 -26.26 41.27 20.31
C GLU A 64 -25.86 41.16 21.80
N ALA A 65 -26.72 40.51 22.58
CA ALA A 65 -26.51 40.27 24.01
C ALA A 65 -25.17 39.60 24.33
N SER A 66 -24.68 38.76 23.42
CA SER A 66 -23.48 37.98 23.65
C SER A 66 -22.21 38.81 23.50
N ASN A 67 -21.06 38.14 23.69
CA ASN A 67 -19.74 38.74 23.52
C ASN A 67 -19.25 38.81 22.07
N PHE A 68 -20.08 38.37 21.12
CA PHE A 68 -19.74 38.52 19.71
C PHE A 68 -19.31 39.96 19.39
N GLN A 69 -18.23 40.09 18.63
CA GLN A 69 -17.75 41.38 18.16
C GLN A 69 -17.72 41.37 16.64
N LEU A 70 -18.19 42.46 16.05
CA LEU A 70 -18.21 42.63 14.59
C LEU A 70 -16.83 42.91 14.04
N ASP A 71 -16.03 43.63 14.82
CA ASP A 71 -14.67 44.00 14.44
C ASP A 71 -13.68 42.84 14.52
N ARG A 72 -14.18 41.65 14.85
CA ARG A 72 -13.35 40.46 15.01
C ARG A 72 -13.65 39.39 13.97
N LYS A 73 -12.62 38.61 13.61
CA LYS A 73 -12.75 37.42 12.77
C LYS A 73 -13.67 36.40 13.46
N THR A 74 -14.23 35.47 12.68
CA THR A 74 -15.13 34.45 13.23
C THR A 74 -14.81 33.06 12.67
N ARG A 75 -14.53 32.13 13.57
CA ARG A 75 -14.22 30.76 13.18
C ARG A 75 -15.19 29.80 13.84
N PHE A 76 -15.75 28.92 13.02
CA PHE A 76 -16.63 27.86 13.48
C PHE A 76 -15.82 26.60 13.61
N ILE A 77 -16.17 25.77 14.61
CA ILE A 77 -15.60 24.43 14.73
C ILE A 77 -16.68 23.35 14.76
N ILE A 78 -16.71 22.51 13.74
CA ILE A 78 -17.69 21.42 13.67
C ILE A 78 -17.08 20.04 13.90
N HIS A 79 -17.53 19.38 14.98
CA HIS A 79 -17.13 18.01 15.28
C HIS A 79 -17.84 17.02 14.37
N GLY A 80 -17.38 15.77 14.39
CA GLY A 80 -17.89 14.73 13.50
C GLY A 80 -18.67 13.64 14.19
N PHE A 81 -18.54 12.43 13.68
CA PHE A 81 -19.31 11.29 14.16
C PHE A 81 -19.00 10.96 15.61
N LEU A 82 -20.07 10.70 16.38
CA LEU A 82 -20.00 10.32 17.80
C LEU A 82 -19.05 11.15 18.66
N ASP A 83 -19.16 12.48 18.54
CA ASP A 83 -18.29 13.42 19.24
C ASP A 83 -19.19 14.50 19.88
N LYS A 84 -18.56 15.49 20.51
CA LYS A 84 -19.25 16.67 21.04
C LYS A 84 -18.27 17.85 21.08
N ALA A 85 -18.76 19.04 21.43
CA ALA A 85 -17.88 20.21 21.53
C ALA A 85 -17.52 20.59 22.97
N GLU A 86 -18.52 20.55 23.87
CA GLU A 86 -18.32 20.85 25.30
C GLU A 86 -17.17 20.04 25.89
N ASP A 87 -16.31 20.72 26.64
CA ASP A 87 -15.19 20.06 27.30
C ASP A 87 -14.60 19.00 26.40
N SER A 88 -14.33 19.38 25.15
CA SER A 88 -13.58 18.52 24.25
C SER A 88 -12.76 19.36 23.26
N TRP A 89 -12.12 18.70 22.31
CA TRP A 89 -11.13 19.33 21.42
C TRP A 89 -11.58 20.60 20.66
N PRO A 90 -12.87 20.68 20.24
CA PRO A 90 -13.27 21.98 19.69
C PRO A 90 -13.15 23.14 20.72
N SER A 91 -13.64 22.94 21.94
CA SER A 91 -13.59 23.98 22.97
C SER A 91 -12.15 24.22 23.42
N ASP A 92 -11.37 23.13 23.43
CA ASP A 92 -9.94 23.21 23.68
C ASP A 92 -9.22 23.99 22.56
N MET A 93 -9.71 23.88 21.33
CA MET A 93 -9.08 24.56 20.20
C MET A 93 -9.29 26.07 20.25
N CYS A 94 -10.52 26.49 20.55
CA CYS A 94 -10.85 27.88 20.79
C CYS A 94 -9.84 28.48 21.76
N LYS A 95 -9.63 27.78 22.87
CA LYS A 95 -8.76 28.22 23.95
C LYS A 95 -7.34 28.52 23.48
N LYS A 96 -6.85 27.74 22.52
CA LYS A 96 -5.54 27.95 21.91
C LYS A 96 -5.56 29.26 21.12
N MET A 97 -6.61 29.44 20.32
CA MET A 97 -6.76 30.61 19.47
C MET A 97 -6.74 31.94 20.25
N PHE A 98 -7.29 31.93 21.46
CA PHE A 98 -7.33 33.14 22.28
C PHE A 98 -5.94 33.56 22.73
N GLU A 99 -4.99 32.63 22.68
CA GLU A 99 -3.62 32.91 23.08
C GLU A 99 -2.82 33.63 22.00
N VAL A 100 -3.34 33.67 20.78
CA VAL A 100 -2.62 34.31 19.69
C VAL A 100 -3.41 35.40 18.96
N GLU A 101 -4.73 35.35 19.04
CA GLU A 101 -5.55 36.32 18.30
C GLU A 101 -6.85 36.69 19.01
N LYS A 102 -7.51 37.72 18.49
CA LYS A 102 -8.87 38.08 18.90
C LYS A 102 -9.86 37.53 17.88
N VAL A 103 -10.79 36.69 18.36
CA VAL A 103 -11.70 35.95 17.47
C VAL A 103 -13.02 35.54 18.14
N ASN A 104 -14.10 35.53 17.37
CA ASN A 104 -15.35 34.87 17.77
C ASN A 104 -15.24 33.39 17.44
N CYS A 105 -15.03 32.57 18.47
CA CYS A 105 -14.97 31.12 18.30
C CYS A 105 -16.35 30.51 18.50
N ILE A 106 -16.91 29.90 17.46
CA ILE A 106 -18.22 29.26 17.57
C ILE A 106 -18.15 27.76 17.36
N CYS A 107 -18.48 27.00 18.39
CA CYS A 107 -18.49 25.55 18.26
C CYS A 107 -19.88 25.08 17.92
N VAL A 108 -19.98 24.29 16.84
CA VAL A 108 -21.25 23.68 16.44
C VAL A 108 -21.36 22.34 17.12
N ASP A 109 -22.30 22.22 18.04
CA ASP A 109 -22.47 21.01 18.80
C ASP A 109 -23.79 20.35 18.41
N TRP A 110 -23.67 19.18 17.81
CA TRP A 110 -24.81 18.41 17.37
C TRP A 110 -24.70 16.96 17.84
N ARG A 111 -24.34 16.80 19.11
CA ARG A 111 -23.93 15.49 19.61
C ARG A 111 -25.03 14.43 19.49
N HIS A 112 -26.28 14.86 19.63
CA HIS A 112 -27.40 13.93 19.64
C HIS A 112 -27.71 13.42 18.25
N GLY A 113 -27.47 14.29 17.27
CA GLY A 113 -27.65 13.93 15.88
C GLY A 113 -26.46 13.17 15.35
N SER A 114 -25.37 13.17 16.11
CA SER A 114 -24.15 12.43 15.75
C SER A 114 -24.07 11.09 16.50
N ARG A 115 -24.92 10.93 17.51
N ARG A 115 -24.88 10.94 17.55
CA ARG A 115 -25.11 9.64 18.17
CA ARG A 115 -25.10 9.63 18.14
C ARG A 115 -26.16 8.81 17.43
C ARG A 115 -26.20 8.97 17.34
N ALA A 116 -25.80 8.32 16.25
CA ALA A 116 -26.72 7.65 15.36
C ALA A 116 -25.96 6.62 14.53
N MET A 117 -26.69 5.70 13.91
CA MET A 117 -26.10 4.82 12.92
C MET A 117 -25.44 5.73 11.89
N TYR A 118 -24.23 5.39 11.44
CA TYR A 118 -23.45 6.31 10.60
C TYR A 118 -24.18 6.86 9.36
N THR A 119 -24.89 6.00 8.64
CA THR A 119 -25.61 6.44 7.45
C THR A 119 -26.76 7.39 7.78
N GLN A 120 -27.18 7.43 9.05
CA GLN A 120 -28.12 8.45 9.52
C GLN A 120 -27.44 9.78 9.77
N ALA A 121 -26.25 9.72 10.34
CA ALA A 121 -25.44 10.91 10.58
C ALA A 121 -25.10 11.64 9.28
N VAL A 122 -24.75 10.87 8.25
CA VAL A 122 -24.49 11.40 6.92
C VAL A 122 -25.69 12.20 6.36
N GLN A 123 -26.90 11.86 6.80
CA GLN A 123 -28.07 12.65 6.44
C GLN A 123 -28.22 13.86 7.36
N ASN A 124 -28.05 13.63 8.66
CA ASN A 124 -28.32 14.64 9.66
C ASN A 124 -27.44 15.87 9.49
N ILE A 125 -26.21 15.63 9.05
CA ILE A 125 -25.26 16.67 8.67
C ILE A 125 -25.87 17.74 7.78
N ARG A 126 -26.70 17.32 6.81
CA ARG A 126 -27.43 18.25 5.94
C ARG A 126 -28.21 19.29 6.76
N VAL A 127 -28.99 18.81 7.73
CA VAL A 127 -29.73 19.70 8.64
C VAL A 127 -28.76 20.56 9.45
N VAL A 128 -27.71 19.94 9.99
CA VAL A 128 -26.69 20.70 10.71
C VAL A 128 -26.09 21.80 9.82
N GLY A 129 -25.95 21.49 8.53
CA GLY A 129 -25.30 22.36 7.55
C GLY A 129 -26.20 23.53 7.27
N ALA A 130 -27.49 23.25 7.21
CA ALA A 130 -28.48 24.29 7.01
C ALA A 130 -28.48 25.22 8.23
N GLU A 131 -28.58 24.62 9.41
CA GLU A 131 -28.61 25.34 10.68
C GLU A 131 -27.49 26.38 10.71
N THR A 132 -26.29 25.94 10.33
CA THR A 132 -25.09 26.78 10.31
C THR A 132 -25.20 27.95 9.32
N ALA A 133 -25.54 27.65 8.07
CA ALA A 133 -25.71 28.69 7.05
C ALA A 133 -26.77 29.70 7.47
N PHE A 134 -27.87 29.19 8.04
CA PHE A 134 -28.96 30.05 8.53
C PHE A 134 -28.41 31.06 9.52
N LEU A 135 -27.50 30.61 10.38
CA LEU A 135 -26.84 31.47 11.34
C LEU A 135 -25.83 32.42 10.67
N ILE A 136 -25.03 31.85 9.77
CA ILE A 136 -24.04 32.66 9.05
C ILE A 136 -24.74 33.77 8.24
N GLN A 137 -25.85 33.43 7.60
CA GLN A 137 -26.62 34.45 6.90
C GLN A 137 -27.19 35.53 7.82
N ALA A 138 -27.55 35.15 9.04
CA ALA A 138 -28.09 36.11 10.01
C ALA A 138 -27.03 37.14 10.36
N LEU A 139 -25.77 36.70 10.40
CA LEU A 139 -24.66 37.60 10.71
C LEU A 139 -24.53 38.65 9.63
N SER A 140 -24.56 38.20 8.38
CA SER A 140 -24.54 39.10 7.24
C SER A 140 -25.78 40.00 7.26
N THR A 141 -26.97 39.40 7.25
CA THR A 141 -28.24 40.13 7.20
C THR A 141 -28.41 41.12 8.34
N GLN A 142 -28.37 40.65 9.58
CA GLN A 142 -28.69 41.51 10.73
C GLN A 142 -27.57 42.45 11.15
N LEU A 143 -26.33 42.06 10.94
CA LEU A 143 -25.20 42.83 11.46
C LEU A 143 -24.24 43.29 10.37
N GLY A 144 -24.54 42.96 9.12
CA GLY A 144 -23.70 43.35 7.99
C GLY A 144 -22.31 42.76 8.06
N TYR A 145 -22.19 41.59 8.69
CA TYR A 145 -20.91 40.90 8.83
C TYR A 145 -20.57 40.26 7.50
N SER A 146 -19.32 40.46 7.06
CA SER A 146 -18.88 39.94 5.78
C SER A 146 -18.56 38.45 5.85
N LEU A 147 -18.99 37.71 4.82
CA LEU A 147 -18.79 36.26 4.78
C LEU A 147 -17.34 35.86 4.58
N GLU A 148 -16.50 36.82 4.17
N GLU A 148 -16.50 36.83 4.18
CA GLU A 148 -15.06 36.62 4.04
CA GLU A 148 -15.06 36.59 4.03
C GLU A 148 -14.41 36.32 5.40
C GLU A 148 -14.32 36.48 5.37
N ASP A 149 -14.95 36.96 6.45
CA ASP A 149 -14.39 36.83 7.80
C ASP A 149 -14.76 35.52 8.49
N VAL A 150 -15.69 34.77 7.88
CA VAL A 150 -16.13 33.49 8.41
C VAL A 150 -15.17 32.35 8.04
N HIS A 151 -14.79 31.58 9.04
CA HIS A 151 -13.93 30.41 8.87
C HIS A 151 -14.68 29.22 9.47
N VAL A 152 -14.77 28.13 8.71
CA VAL A 152 -15.44 26.93 9.21
C VAL A 152 -14.49 25.77 9.22
N ILE A 153 -14.19 25.30 10.42
CA ILE A 153 -13.29 24.17 10.62
C ILE A 153 -14.12 22.95 11.01
N GLY A 154 -14.10 21.92 10.16
CA GLY A 154 -14.86 20.71 10.43
C GLY A 154 -13.95 19.51 10.40
N HIS A 155 -14.13 18.62 11.37
CA HIS A 155 -13.39 17.36 11.42
C HIS A 155 -14.29 16.19 11.00
N SER A 156 -13.76 15.36 10.08
CA SER A 156 -14.45 14.15 9.61
C SER A 156 -15.77 14.53 8.94
N LEU A 157 -16.89 14.04 9.47
CA LEU A 157 -18.23 14.50 9.03
C LEU A 157 -18.35 16.02 9.16
N GLY A 158 -17.66 16.59 10.13
CA GLY A 158 -17.63 18.02 10.33
C GLY A 158 -17.18 18.78 9.10
N ALA A 159 -16.24 18.21 8.36
CA ALA A 159 -15.74 18.83 7.13
C ALA A 159 -16.82 18.90 6.04
N HIS A 160 -17.63 17.86 5.91
CA HIS A 160 -18.68 17.87 4.88
C HIS A 160 -19.88 18.67 5.34
N THR A 161 -20.04 18.76 6.66
CA THR A 161 -21.02 19.67 7.24
C THR A 161 -20.59 21.08 6.86
N ALA A 162 -19.37 21.45 7.23
CA ALA A 162 -18.75 22.68 6.76
C ALA A 162 -19.09 22.93 5.30
N ALA A 163 -18.74 21.95 4.45
CA ALA A 163 -18.96 22.00 3.00
C ALA A 163 -20.39 22.32 2.61
N GLU A 164 -21.34 21.66 3.28
CA GLU A 164 -22.75 21.86 3.06
C GLU A 164 -23.15 23.30 3.31
N ALA A 165 -22.73 23.85 4.46
CA ALA A 165 -23.00 25.25 4.75
C ALA A 165 -22.38 26.14 3.67
N GLY A 166 -21.18 25.79 3.22
CA GLY A 166 -20.50 26.53 2.17
C GLY A 166 -21.27 26.58 0.88
N ARG A 167 -21.75 25.42 0.44
CA ARG A 167 -22.66 25.34 -0.69
C ARG A 167 -23.93 26.19 -0.48
N ARG A 168 -24.64 25.96 0.62
CA ARG A 168 -25.82 26.77 0.98
C ARG A 168 -25.59 28.30 0.85
N LEU A 169 -24.34 28.74 0.98
CA LEU A 169 -23.99 30.17 0.87
C LEU A 169 -23.28 30.50 -0.44
N GLY A 170 -23.39 29.62 -1.43
CA GLY A 170 -22.78 29.87 -2.73
C GLY A 170 -21.29 30.11 -2.66
N GLY A 171 -20.62 29.39 -1.77
CA GLY A 171 -19.16 29.43 -1.65
C GLY A 171 -18.55 30.77 -1.32
N ARG A 172 -19.34 31.65 -0.71
CA ARG A 172 -18.91 33.01 -0.39
C ARG A 172 -18.18 33.13 0.96
N VAL A 173 -18.45 32.18 1.86
CA VAL A 173 -17.72 32.02 3.12
C VAL A 173 -16.20 32.04 2.89
N GLY A 174 -15.51 32.84 3.69
CA GLY A 174 -14.09 33.11 3.52
C GLY A 174 -13.17 31.90 3.44
N ARG A 175 -13.42 30.92 4.29
CA ARG A 175 -12.50 29.77 4.39
C ARG A 175 -13.15 28.54 4.98
N ILE A 176 -12.87 27.38 4.37
CA ILE A 176 -13.17 26.10 4.99
C ILE A 176 -11.91 25.27 5.16
N THR A 177 -11.78 24.68 6.35
CA THR A 177 -10.66 23.79 6.64
C THR A 177 -11.21 22.41 6.99
N GLY A 178 -10.90 21.44 6.14
CA GLY A 178 -11.38 20.08 6.31
C GLY A 178 -10.31 19.24 6.95
N LEU A 179 -10.62 18.71 8.13
CA LEU A 179 -9.65 17.95 8.92
C LEU A 179 -9.96 16.47 8.83
N ASP A 180 -9.12 15.75 8.10
CA ASP A 180 -9.39 14.35 7.72
C ASP A 180 -10.86 14.12 7.42
N PRO A 181 -11.36 14.75 6.33
CA PRO A 181 -12.77 14.64 5.99
C PRO A 181 -13.18 13.18 5.85
N ALA A 182 -14.38 12.87 6.31
CA ALA A 182 -14.89 11.50 6.32
C ALA A 182 -14.85 10.89 4.93
N GLY A 183 -14.33 9.68 4.83
CA GLY A 183 -14.27 8.97 3.57
C GLY A 183 -15.55 8.24 3.23
N PRO A 184 -16.04 7.36 4.15
CA PRO A 184 -17.25 6.57 3.87
C PRO A 184 -18.50 7.40 3.58
N CYS A 185 -19.03 7.24 2.36
CA CYS A 185 -20.18 7.99 1.86
C CYS A 185 -19.84 9.38 1.26
N PHE A 186 -18.57 9.62 0.92
CA PHE A 186 -18.17 10.89 0.29
C PHE A 186 -17.12 10.72 -0.82
N GLN A 187 -16.10 9.90 -0.56
CA GLN A 187 -15.06 9.62 -1.53
C GLN A 187 -15.67 9.26 -2.88
N ASP A 188 -15.16 9.90 -3.94
CA ASP A 188 -15.58 9.65 -5.33
C ASP A 188 -17.04 10.00 -5.65
N GLU A 189 -17.71 10.72 -4.75
CA GLU A 189 -19.10 11.11 -4.96
C GLU A 189 -19.17 12.54 -5.46
N PRO A 190 -20.35 12.95 -6.01
CA PRO A 190 -20.43 14.26 -6.67
C PRO A 190 -20.26 15.40 -5.69
N GLU A 191 -19.77 16.53 -6.19
CA GLU A 191 -19.45 17.71 -5.39
C GLU A 191 -20.57 18.26 -4.52
N GLU A 192 -21.81 17.93 -4.87
CA GLU A 192 -22.99 18.42 -4.17
C GLU A 192 -23.02 17.93 -2.73
N VAL A 193 -22.50 16.72 -2.52
CA VAL A 193 -22.69 16.04 -1.24
C VAL A 193 -21.44 16.02 -0.38
N ARG A 194 -20.32 16.46 -0.94
CA ARG A 194 -19.06 16.43 -0.21
C ARG A 194 -18.34 17.77 -0.19
N LEU A 195 -17.24 17.82 0.55
CA LEU A 195 -16.38 18.99 0.51
C LEU A 195 -15.70 19.02 -0.86
N ASP A 196 -15.57 20.22 -1.42
CA ASP A 196 -14.84 20.42 -2.66
C ASP A 196 -14.48 21.90 -2.75
N PRO A 197 -13.44 22.25 -3.55
CA PRO A 197 -12.91 23.62 -3.67
C PRO A 197 -13.96 24.73 -3.86
N SER A 198 -15.13 24.39 -4.39
CA SER A 198 -16.13 25.41 -4.72
C SER A 198 -16.94 25.88 -3.51
N ASP A 199 -16.75 25.21 -2.37
CA ASP A 199 -17.55 25.44 -1.17
C ASP A 199 -17.23 26.71 -0.39
N ALA A 200 -16.04 27.23 -0.63
CA ALA A 200 -15.61 28.45 0.03
C ALA A 200 -14.58 29.10 -0.86
N VAL A 201 -14.31 30.39 -0.60
CA VAL A 201 -13.29 31.12 -1.35
C VAL A 201 -11.95 30.39 -1.24
N PHE A 202 -11.67 29.85 -0.06
CA PHE A 202 -10.44 29.11 0.23
C PHE A 202 -10.72 27.82 1.04
N VAL A 203 -10.41 26.67 0.46
CA VAL A 203 -10.64 25.35 1.09
C VAL A 203 -9.32 24.61 1.26
N ASP A 204 -8.91 24.38 2.52
CA ASP A 204 -7.65 23.68 2.85
C ASP A 204 -7.87 22.45 3.75
N VAL A 205 -7.31 21.32 3.32
CA VAL A 205 -7.62 20.02 3.89
C VAL A 205 -6.38 19.33 4.47
N ILE A 206 -6.50 18.82 5.69
CA ILE A 206 -5.42 18.01 6.29
C ILE A 206 -5.79 16.53 6.31
N HIS A 207 -5.14 15.71 5.49
CA HIS A 207 -5.42 14.28 5.39
C HIS A 207 -4.53 13.48 6.34
N THR A 208 -5.12 12.69 7.23
CA THR A 208 -4.31 11.91 8.20
C THR A 208 -4.61 10.39 8.35
N ASP A 209 -5.76 9.93 7.85
CA ASP A 209 -6.12 8.52 7.99
C ASP A 209 -6.74 8.06 6.69
N SER A 210 -6.01 8.29 5.60
CA SER A 210 -6.55 8.19 4.25
C SER A 210 -6.38 6.81 3.60
N SER A 211 -7.48 6.30 3.05
CA SER A 211 -7.43 5.09 2.24
C SER A 211 -8.51 5.18 1.16
N PRO A 212 -8.38 4.38 0.08
CA PRO A 212 -9.49 4.22 -0.87
C PRO A 212 -10.67 3.48 -0.23
N ILE A 213 -11.82 3.51 -0.90
CA ILE A 213 -13.01 2.79 -0.42
C ILE A 213 -12.85 1.26 -0.47
N VAL A 214 -12.14 0.74 -1.47
CA VAL A 214 -11.87 -0.70 -1.60
C VAL A 214 -10.35 -0.98 -1.85
N PRO A 215 -9.63 -1.51 -0.84
CA PRO A 215 -10.08 -1.87 0.52
C PRO A 215 -10.02 -0.69 1.52
N SER A 216 -10.92 -0.71 2.49
CA SER A 216 -11.00 0.34 3.51
C SER A 216 -10.01 0.14 4.65
N LEU A 217 -9.10 1.11 4.80
CA LEU A 217 -8.07 1.03 5.81
C LEU A 217 -7.89 2.40 6.45
N GLY A 218 -9.01 3.01 6.83
CA GLY A 218 -8.99 4.34 7.40
C GLY A 218 -10.33 5.02 7.25
N PHE A 219 -10.46 6.22 7.82
CA PHE A 219 -11.70 6.96 7.80
C PHE A 219 -11.60 8.23 6.96
N GLY A 220 -10.38 8.55 6.55
CA GLY A 220 -10.12 9.76 5.76
C GLY A 220 -10.32 9.57 4.27
N MET A 221 -10.43 10.70 3.56
CA MET A 221 -10.44 10.71 2.10
C MET A 221 -9.01 10.70 1.62
N SER A 222 -8.71 9.84 0.65
CA SER A 222 -7.45 9.92 -0.05
C SER A 222 -7.60 10.89 -1.21
N GLN A 223 -8.85 11.08 -1.65
CA GLN A 223 -9.18 12.04 -2.69
C GLN A 223 -8.85 13.46 -2.25
N LYS A 224 -8.33 14.26 -3.19
CA LYS A 224 -7.93 15.63 -2.90
C LYS A 224 -9.13 16.53 -3.09
N VAL A 225 -9.47 17.32 -2.08
CA VAL A 225 -10.73 18.07 -2.12
C VAL A 225 -10.61 19.54 -1.73
N GLY A 226 -9.41 20.09 -1.80
CA GLY A 226 -9.25 21.52 -1.52
C GLY A 226 -8.47 22.29 -2.56
N HIS A 227 -8.23 23.56 -2.26
CA HIS A 227 -7.26 24.34 -3.02
C HIS A 227 -5.89 23.82 -2.65
N LEU A 228 -5.74 23.52 -1.35
CA LEU A 228 -4.56 22.89 -0.80
C LEU A 228 -4.93 21.55 -0.15
N ASP A 229 -4.16 20.52 -0.44
CA ASP A 229 -4.34 19.22 0.19
C ASP A 229 -3.02 18.74 0.79
N PHE A 230 -2.99 18.64 2.12
CA PHE A 230 -1.79 18.21 2.86
C PHE A 230 -1.89 16.77 3.26
N PHE A 231 -0.81 16.03 3.03
CA PHE A 231 -0.74 14.66 3.47
C PHE A 231 0.42 14.49 4.42
N PRO A 232 0.29 14.96 5.68
CA PRO A 232 1.45 14.85 6.55
C PRO A 232 1.78 13.37 6.77
N ASN A 233 3.07 13.05 6.74
CA ASN A 233 3.54 11.68 6.98
C ASN A 233 3.02 10.65 5.98
N GLY A 234 2.58 11.11 4.81
CA GLY A 234 2.06 10.20 3.80
C GLY A 234 0.55 10.14 3.72
N GLY A 235 -0.11 10.46 4.83
CA GLY A 235 -1.57 10.52 4.87
C GLY A 235 -2.21 9.27 5.43
N LYS A 236 -1.48 8.17 5.41
CA LYS A 236 -2.00 6.87 5.83
C LYS A 236 -1.71 6.55 7.30
N GLU A 237 -0.45 6.66 7.71
CA GLU A 237 -0.09 6.34 9.10
C GLU A 237 0.80 7.39 9.78
N MET A 238 0.33 7.95 10.89
CA MET A 238 1.06 9.02 11.58
C MET A 238 2.00 8.47 12.65
N PRO A 239 3.21 9.06 12.76
CA PRO A 239 4.13 8.71 13.84
C PRO A 239 3.49 8.94 15.20
N GLY A 240 3.61 7.95 16.08
CA GLY A 240 2.97 7.99 17.38
C GLY A 240 1.80 7.02 17.51
N CYS A 241 1.18 6.68 16.38
CA CYS A 241 0.04 5.75 16.38
C CYS A 241 0.45 4.38 15.85
N ASP A 253 -4.71 -11.04 7.38
CA ASP A 253 -5.01 -12.32 8.03
C ASP A 253 -6.11 -12.17 9.07
N GLY A 254 -6.99 -13.18 9.16
CA GLY A 254 -8.06 -13.19 10.16
C GLY A 254 -9.20 -12.19 9.93
N ILE A 255 -10.05 -12.02 10.94
CA ILE A 255 -11.20 -11.12 10.84
C ILE A 255 -10.74 -9.68 11.07
N TRP A 256 -10.86 -8.85 10.05
CA TRP A 256 -10.48 -7.46 10.20
C TRP A 256 -11.62 -6.64 10.83
N GLU A 257 -11.38 -6.17 12.05
CA GLU A 257 -12.31 -5.32 12.78
C GLU A 257 -11.98 -3.84 12.56
N GLY A 258 -12.96 -3.11 12.02
CA GLY A 258 -12.88 -1.67 11.90
C GLY A 258 -13.92 -0.95 12.74
N ILE A 259 -14.40 -1.61 13.79
CA ILE A 259 -15.59 -1.18 14.55
C ILE A 259 -15.41 0.07 15.40
N GLY A 260 -14.30 0.77 15.25
CA GLY A 260 -14.13 2.04 15.92
C GLY A 260 -13.19 2.97 15.17
N GLY A 261 -13.13 2.80 13.85
CA GLY A 261 -12.20 3.54 13.00
C GLY A 261 -12.24 5.04 13.16
N PHE A 262 -13.45 5.58 13.35
CA PHE A 262 -13.65 7.02 13.51
C PHE A 262 -13.00 7.57 14.79
N VAL A 263 -12.52 6.68 15.66
CA VAL A 263 -11.73 7.11 16.82
C VAL A 263 -10.27 6.63 16.75
N SER A 264 -9.86 6.17 15.57
CA SER A 264 -8.46 5.85 15.32
C SER A 264 -7.54 7.01 15.65
N CYS A 265 -6.43 6.70 16.31
CA CYS A 265 -5.40 7.70 16.58
C CYS A 265 -5.06 8.52 15.33
N ASN A 266 -4.77 7.84 14.23
CA ASN A 266 -4.43 8.48 12.95
C ASN A 266 -5.48 9.47 12.49
N HIS A 267 -6.75 9.13 12.70
CA HIS A 267 -7.87 9.95 12.23
C HIS A 267 -7.99 11.22 13.05
N LEU A 268 -7.75 11.12 14.36
CA LEU A 268 -7.93 12.21 15.29
C LEU A 268 -6.72 13.14 15.27
N ARG A 269 -5.62 12.64 14.71
CA ARG A 269 -4.37 13.41 14.65
C ARG A 269 -4.51 14.70 13.83
N SER A 270 -5.48 14.70 12.91
CA SER A 270 -5.75 15.87 12.07
C SER A 270 -6.07 17.15 12.87
N PHE A 271 -6.93 17.06 13.89
CA PHE A 271 -7.18 18.25 14.70
C PHE A 271 -6.06 18.54 15.70
N GLU A 272 -5.26 17.52 16.03
CA GLU A 272 -4.16 17.71 16.96
C GLU A 272 -3.08 18.58 16.32
N TYR A 273 -2.82 18.36 15.03
CA TYR A 273 -1.85 19.16 14.30
C TYR A 273 -2.35 20.58 14.18
N TYR A 274 -3.60 20.74 13.77
CA TYR A 274 -4.17 22.06 13.59
C TYR A 274 -4.08 22.88 14.89
N SER A 275 -4.54 22.29 15.99
CA SER A 275 -4.52 22.95 17.28
C SER A 275 -3.10 23.37 17.58
N SER A 276 -2.15 22.49 17.29
CA SER A 276 -0.76 22.80 17.54
C SER A 276 -0.26 23.93 16.66
N SER A 277 -0.82 24.03 15.45
CA SER A 277 -0.34 25.01 14.49
C SER A 277 -0.83 26.40 14.86
N VAL A 278 -1.92 26.47 15.62
CA VAL A 278 -2.42 27.74 16.16
C VAL A 278 -1.32 28.47 16.95
N LEU A 279 -0.59 27.72 17.77
CA LEU A 279 0.47 28.28 18.61
C LEU A 279 1.88 28.14 18.01
N ASN A 280 2.09 27.09 17.21
CA ASN A 280 3.34 26.90 16.48
C ASN A 280 3.08 27.09 14.97
N PRO A 281 3.13 28.36 14.52
CA PRO A 281 2.70 28.73 13.16
C PRO A 281 3.40 27.99 12.03
N ASP A 282 4.73 27.88 12.06
CA ASP A 282 5.44 27.23 10.96
C ASP A 282 6.09 25.89 11.35
N GLY A 283 5.47 25.19 12.28
CA GLY A 283 5.90 23.85 12.67
C GLY A 283 5.47 22.77 11.69
N PHE A 284 4.63 23.14 10.72
CA PHE A 284 4.16 22.17 9.74
C PHE A 284 4.21 22.73 8.33
N LEU A 285 5.40 22.84 7.77
CA LEU A 285 5.54 23.36 6.41
C LEU A 285 5.33 22.24 5.41
N GLY A 286 4.45 22.47 4.44
CA GLY A 286 4.15 21.50 3.39
C GLY A 286 4.94 21.78 2.12
N TYR A 287 5.47 20.72 1.52
CA TYR A 287 6.31 20.84 0.33
C TYR A 287 5.55 20.37 -0.91
N PRO A 288 5.58 21.15 -2.01
CA PRO A 288 4.93 20.79 -3.26
C PRO A 288 5.48 19.50 -3.80
N CYS A 289 4.61 18.50 -3.97
CA CYS A 289 5.01 17.14 -4.28
C CYS A 289 3.85 16.29 -4.75
N ALA A 290 4.11 15.44 -5.75
CA ALA A 290 3.08 14.56 -6.30
C ALA A 290 2.81 13.34 -5.42
N SER A 291 3.89 12.73 -4.91
CA SER A 291 3.77 11.55 -4.06
C SER A 291 4.67 11.70 -2.84
N TYR A 292 4.31 10.98 -1.77
CA TYR A 292 5.07 10.99 -0.53
C TYR A 292 6.45 10.39 -0.74
N ASP A 293 6.54 9.36 -1.58
CA ASP A 293 7.81 8.75 -1.94
C ASP A 293 8.75 9.79 -2.50
N GLU A 294 8.27 10.60 -3.43
CA GLU A 294 9.07 11.68 -4.02
C GLU A 294 9.60 12.65 -2.97
N PHE A 295 8.80 12.93 -1.95
CA PHE A 295 9.19 13.80 -0.85
C PHE A 295 10.25 13.10 0.01
N GLN A 296 9.98 11.85 0.37
CA GLN A 296 10.90 11.01 1.15
C GLN A 296 12.27 10.94 0.49
N GLU A 297 12.28 10.91 -0.83
CA GLU A 297 13.51 10.81 -1.62
C GLU A 297 14.13 12.18 -1.93
N SER A 298 13.50 13.24 -1.41
CA SER A 298 14.02 14.62 -1.45
C SER A 298 13.93 15.33 -2.81
N LYS A 299 12.93 14.98 -3.61
CA LYS A 299 12.72 15.67 -4.89
C LYS A 299 11.98 16.99 -4.69
N CYS A 300 11.35 17.13 -3.54
CA CYS A 300 10.48 18.27 -3.24
C CYS A 300 11.10 19.14 -2.14
N PHE A 301 12.35 19.56 -2.40
CA PHE A 301 13.18 20.25 -1.41
C PHE A 301 14.19 21.15 -2.11
N PRO A 302 14.43 22.37 -1.56
CA PRO A 302 13.77 23.01 -0.42
C PRO A 302 12.43 23.64 -0.80
N CYS A 303 11.91 24.55 0.02
CA CYS A 303 10.66 25.25 -0.27
C CYS A 303 10.79 26.10 -1.54
N PRO A 304 9.68 26.25 -2.29
CA PRO A 304 9.71 27.12 -3.47
C PRO A 304 10.08 28.54 -3.06
N ALA A 305 10.66 29.30 -3.99
CA ALA A 305 11.17 30.64 -3.67
C ALA A 305 10.16 31.46 -2.87
N GLU A 306 8.95 31.59 -3.41
CA GLU A 306 7.87 32.32 -2.76
C GLU A 306 7.73 31.92 -1.27
N GLY A 307 7.80 30.61 -0.99
CA GLY A 307 7.69 30.07 0.37
C GLY A 307 6.83 28.82 0.38
N CYS A 308 6.86 28.08 1.49
CA CYS A 308 5.97 26.92 1.68
C CYS A 308 4.64 27.35 2.31
N PRO A 309 3.56 26.61 2.04
CA PRO A 309 2.36 26.85 2.86
C PRO A 309 2.57 26.34 4.27
N LYS A 310 2.02 27.05 5.24
CA LYS A 310 2.04 26.58 6.61
C LYS A 310 0.76 25.79 6.83
N MET A 311 0.89 24.47 6.95
CA MET A 311 -0.28 23.62 7.17
C MET A 311 -0.89 23.93 8.52
N GLY A 312 -2.20 24.10 8.54
CA GLY A 312 -2.91 24.42 9.76
C GLY A 312 -3.48 25.82 9.79
N HIS A 313 -3.41 26.45 10.95
CA HIS A 313 -4.11 27.71 11.18
C HIS A 313 -3.63 28.88 10.31
N TYR A 314 -2.39 28.86 9.84
CA TYR A 314 -1.86 29.99 9.07
C TYR A 314 -1.74 29.71 7.56
N ALA A 315 -2.47 28.71 7.09
CA ALA A 315 -2.52 28.37 5.67
C ALA A 315 -3.03 29.53 4.81
N ASP A 316 -3.78 30.45 5.42
CA ASP A 316 -4.33 31.62 4.73
C ASP A 316 -3.27 32.64 4.28
N GLN A 317 -2.04 32.49 4.76
CA GLN A 317 -0.95 33.38 4.41
C GLN A 317 -0.17 32.94 3.18
N PHE A 318 -0.44 31.73 2.70
CA PHE A 318 0.20 31.20 1.51
C PHE A 318 -0.16 32.04 0.28
N LYS A 319 0.87 32.64 -0.32
CA LYS A 319 0.75 33.37 -1.58
C LYS A 319 0.27 32.44 -2.69
N GLY A 320 -0.86 32.77 -3.31
CA GLY A 320 -1.44 31.95 -4.37
C GLY A 320 -2.19 30.74 -3.86
N LYS A 321 -2.73 30.84 -2.64
CA LYS A 321 -3.48 29.75 -2.05
C LYS A 321 -4.69 29.31 -2.87
N THR A 322 -5.22 30.20 -3.70
CA THR A 322 -6.38 29.87 -4.54
C THR A 322 -6.15 30.10 -6.04
N SER A 323 -4.90 29.97 -6.47
CA SER A 323 -4.57 30.08 -7.89
C SER A 323 -4.90 28.76 -8.59
N ALA A 324 -4.88 27.67 -7.83
CA ALA A 324 -5.15 26.34 -8.36
C ALA A 324 -5.81 25.47 -7.30
N VAL A 325 -6.56 24.47 -7.78
CA VAL A 325 -7.21 23.48 -6.92
C VAL A 325 -6.35 22.23 -6.79
N GLU A 326 -6.48 21.53 -5.65
CA GLU A 326 -5.80 20.25 -5.41
C GLU A 326 -4.27 20.34 -5.37
N GLN A 327 -3.74 21.49 -5.01
CA GLN A 327 -2.30 21.67 -4.85
C GLN A 327 -1.80 20.77 -3.73
N THR A 328 -1.12 19.69 -4.11
CA THR A 328 -0.66 18.68 -3.16
C THR A 328 0.58 19.12 -2.36
N PHE A 329 0.58 18.77 -1.07
CA PHE A 329 1.71 19.03 -0.19
C PHE A 329 1.97 17.84 0.74
N PHE A 330 3.24 17.54 0.94
CA PHE A 330 3.67 16.49 1.87
C PHE A 330 4.67 17.11 2.82
N LEU A 331 4.63 16.63 4.06
CA LEU A 331 5.52 17.08 5.13
C LEU A 331 5.70 15.92 6.11
N ASN A 332 6.60 16.07 7.08
CA ASN A 332 6.74 15.14 8.18
C ASN A 332 6.50 15.85 9.51
N THR A 333 5.89 15.15 10.45
CA THR A 333 5.66 15.75 11.76
C THR A 333 6.36 14.98 12.87
N GLY A 334 6.40 15.56 14.07
CA GLY A 334 6.84 14.85 15.27
C GLY A 334 5.83 13.78 15.67
N GLU A 335 6.29 12.84 16.51
CA GLU A 335 5.47 11.70 16.90
C GLU A 335 4.58 11.98 18.10
N SER A 336 4.95 12.99 18.90
CA SER A 336 4.25 13.32 20.14
C SER A 336 4.37 14.80 20.50
N GLY A 337 3.55 15.22 21.46
CA GLY A 337 3.67 16.54 22.09
C GLY A 337 3.10 17.67 21.27
N ASN A 338 3.97 18.60 20.89
CA ASN A 338 3.57 19.75 20.07
C ASN A 338 3.53 19.37 18.59
N PHE A 339 4.07 18.19 18.27
CA PHE A 339 4.07 17.59 16.92
C PHE A 339 4.89 18.32 15.85
N THR A 340 5.50 19.46 16.21
CA THR A 340 6.24 20.25 15.24
C THR A 340 7.49 19.53 14.69
N SER A 341 7.85 19.89 13.46
CA SER A 341 9.03 19.37 12.78
C SER A 341 9.48 20.30 11.67
N TRP A 342 10.80 20.35 11.47
CA TRP A 342 11.41 21.10 10.39
C TRP A 342 12.29 20.15 9.60
N ARG A 343 12.26 20.27 8.27
CA ARG A 343 13.00 19.37 7.37
C ARG A 343 14.41 19.89 7.01
N TYR A 344 15.37 18.96 6.98
CA TYR A 344 16.75 19.27 6.61
C TYR A 344 17.35 18.19 5.72
N LYS A 345 18.12 18.62 4.72
CA LYS A 345 18.91 17.74 3.87
C LYS A 345 20.35 17.88 4.36
N VAL A 346 20.94 16.77 4.78
CA VAL A 346 22.30 16.81 5.29
C VAL A 346 23.22 15.95 4.44
N SER A 347 24.29 16.58 3.95
CA SER A 347 25.31 15.92 3.17
C SER A 347 26.62 15.95 3.93
N VAL A 348 27.22 14.77 4.07
CA VAL A 348 28.50 14.63 4.75
C VAL A 348 29.43 13.83 3.85
N THR A 349 30.65 14.32 3.70
CA THR A 349 31.69 13.61 2.96
C THR A 349 32.84 13.26 3.90
N LEU A 350 33.28 12.00 3.86
CA LEU A 350 34.17 11.42 4.86
C LEU A 350 35.67 11.61 4.61
N SER A 351 36.45 11.46 5.68
CA SER A 351 37.90 11.44 5.60
C SER A 351 38.47 10.37 6.52
N GLY A 352 39.67 9.91 6.21
CA GLY A 352 40.35 8.84 6.96
C GLY A 352 41.36 8.13 6.09
N LYS A 353 41.97 7.07 6.64
CA LYS A 353 43.01 6.32 5.93
C LYS A 353 42.65 4.84 5.69
N GLU A 354 41.43 4.45 6.06
CA GLU A 354 40.95 3.06 5.92
C GLU A 354 39.42 2.98 5.95
N LYS A 355 38.88 1.94 5.30
CA LYS A 355 37.44 1.73 5.22
C LYS A 355 36.92 0.84 6.34
N VAL A 356 36.10 1.42 7.22
CA VAL A 356 35.55 0.70 8.39
C VAL A 356 34.05 0.42 8.27
N ASN A 357 33.61 -0.69 8.85
CA ASN A 357 32.20 -1.10 8.85
C ASN A 357 31.49 -0.65 10.13
N GLY A 358 30.94 0.56 10.09
CA GLY A 358 30.18 1.12 11.20
C GLY A 358 29.04 2.00 10.71
N TYR A 359 28.79 3.10 11.41
CA TYR A 359 27.74 4.03 11.02
C TYR A 359 27.95 5.48 11.50
N ILE A 360 27.30 6.42 10.81
CA ILE A 360 27.53 7.86 10.99
C ILE A 360 26.36 8.55 11.72
N ARG A 361 26.71 9.36 12.72
CA ARG A 361 25.75 10.23 13.37
C ARG A 361 26.21 11.69 13.25
N ILE A 362 25.25 12.61 13.21
CA ILE A 362 25.52 14.04 13.09
C ILE A 362 24.59 14.86 13.98
N ALA A 363 25.13 15.93 14.57
CA ALA A 363 24.34 16.84 15.38
C ALA A 363 24.36 18.28 14.84
N LEU A 364 23.27 18.99 15.05
CA LEU A 364 23.12 20.38 14.61
C LEU A 364 23.21 21.33 15.80
N TYR A 365 24.01 22.38 15.66
CA TYR A 365 24.24 23.36 16.72
C TYR A 365 23.88 24.78 16.27
N GLY A 366 22.98 25.42 17.00
CA GLY A 366 22.43 26.70 16.57
C GLY A 366 22.49 27.84 17.55
N SER A 367 21.64 28.84 17.31
CA SER A 367 21.53 30.01 18.17
C SER A 367 20.46 29.83 19.24
N ASN A 368 19.46 29.01 18.94
CA ASN A 368 18.35 28.72 19.85
C ASN A 368 18.69 27.61 20.86
N GLU A 369 19.10 26.45 20.33
CA GLU A 369 19.57 25.31 21.11
C GLU A 369 20.38 24.41 20.18
N ASN A 370 20.57 23.15 20.57
CA ASN A 370 21.17 22.20 19.65
C ASN A 370 20.44 20.87 19.63
N SER A 371 20.44 20.24 18.46
CA SER A 371 19.69 19.01 18.20
C SER A 371 20.32 17.79 18.87
N LYS A 372 19.58 16.67 18.84
CA LYS A 372 20.15 15.38 19.19
C LYS A 372 20.97 14.85 18.01
N GLN A 373 21.60 13.70 18.19
CA GLN A 373 22.34 13.05 17.10
C GLN A 373 21.37 12.31 16.17
N TYR A 374 21.64 12.35 14.86
CA TYR A 374 20.82 11.64 13.87
C TYR A 374 21.67 10.69 13.05
N GLU A 375 21.13 9.51 12.72
CA GLU A 375 21.82 8.57 11.84
C GLU A 375 21.73 9.03 10.38
N ILE A 376 22.81 8.87 9.64
CA ILE A 376 22.89 9.34 8.26
C ILE A 376 23.23 8.25 7.24
N PHE A 377 24.13 7.34 7.62
CA PHE A 377 24.42 6.17 6.81
C PHE A 377 24.80 4.98 7.68
N LYS A 378 24.56 3.77 7.18
CA LYS A 378 24.93 2.53 7.86
C LYS A 378 25.47 1.53 6.83
N GLY A 379 26.62 0.94 7.13
CA GLY A 379 27.27 -0.01 6.24
C GLY A 379 28.75 0.29 6.03
N SER A 380 29.18 0.25 4.77
CA SER A 380 30.58 0.54 4.41
C SER A 380 30.88 2.03 4.52
N LEU A 381 31.92 2.36 5.29
CA LEU A 381 32.35 3.75 5.44
C LEU A 381 33.75 3.95 4.89
N LYS A 382 33.81 4.23 3.59
CA LYS A 382 35.06 4.50 2.88
C LYS A 382 35.37 5.99 2.95
N PRO A 383 36.67 6.35 3.00
CA PRO A 383 37.05 7.77 2.93
C PRO A 383 36.69 8.38 1.57
N ASP A 384 36.42 9.68 1.56
CA ASP A 384 36.01 10.43 0.36
C ASP A 384 34.54 10.21 -0.01
N ALA A 385 33.91 9.21 0.59
CA ALA A 385 32.52 8.87 0.29
C ALA A 385 31.58 9.96 0.79
N SER A 386 30.66 10.38 -0.07
CA SER A 386 29.64 11.37 0.28
C SER A 386 28.33 10.67 0.58
N HIS A 387 27.69 11.07 1.67
CA HIS A 387 26.43 10.49 2.05
C HIS A 387 25.40 11.55 2.39
N THR A 388 24.24 11.45 1.74
CA THR A 388 23.15 12.39 1.92
C THR A 388 22.01 11.71 2.65
N CYS A 389 21.31 12.49 3.46
CA CYS A 389 20.13 12.02 4.18
C CYS A 389 19.32 13.21 4.62
N ALA A 390 18.00 13.08 4.52
CA ALA A 390 17.08 14.09 5.06
C ALA A 390 16.63 13.70 6.45
N ILE A 391 16.51 14.69 7.33
CA ILE A 391 16.19 14.45 8.73
C ILE A 391 15.03 15.31 9.22
N ASP A 392 14.33 14.83 10.23
CA ASP A 392 13.22 15.56 10.84
C ASP A 392 13.57 16.08 12.23
N VAL A 393 13.91 17.36 12.29
CA VAL A 393 14.24 18.00 13.56
C VAL A 393 12.95 18.55 14.18
N ASP A 394 12.80 18.38 15.49
CA ASP A 394 11.54 18.67 16.14
C ASP A 394 11.33 20.15 16.50
N PHE A 395 12.40 20.94 16.37
CA PHE A 395 12.37 22.37 16.72
C PHE A 395 13.15 23.18 15.69
N ASN A 396 12.87 24.47 15.62
CA ASN A 396 13.59 25.38 14.72
C ASN A 396 14.93 25.80 15.32
N VAL A 397 16.02 25.23 14.80
CA VAL A 397 17.36 25.49 15.34
C VAL A 397 17.89 26.89 15.03
N GLY A 398 17.32 27.52 14.02
CA GLY A 398 17.77 28.82 13.53
C GLY A 398 19.07 28.71 12.77
N LYS A 399 19.83 29.79 12.70
CA LYS A 399 21.13 29.80 12.07
C LYS A 399 22.04 28.74 12.70
N ILE A 400 22.46 27.77 11.89
CA ILE A 400 23.34 26.69 12.33
C ILE A 400 24.77 27.20 12.49
N GLN A 401 25.18 27.38 13.75
CA GLN A 401 26.52 27.92 14.05
C GLN A 401 27.60 26.90 13.71
N LYS A 402 27.39 25.65 14.13
CA LYS A 402 28.35 24.57 13.94
C LYS A 402 27.63 23.23 13.83
N VAL A 403 28.36 22.21 13.35
CA VAL A 403 27.88 20.82 13.35
C VAL A 403 28.89 19.89 14.05
N LYS A 404 28.44 18.68 14.38
CA LYS A 404 29.31 17.67 14.99
C LYS A 404 29.05 16.30 14.39
N PHE A 405 30.13 15.62 14.00
CA PHE A 405 30.09 14.29 13.40
C PHE A 405 30.53 13.21 14.41
N LEU A 406 29.91 12.05 14.33
CA LEU A 406 30.21 10.94 15.23
C LEU A 406 30.01 9.60 14.54
N TRP A 407 30.92 8.65 14.79
CA TRP A 407 30.84 7.32 14.20
C TRP A 407 31.17 6.22 15.20
N ASN A 408 30.58 5.03 14.99
CA ASN A 408 30.92 3.85 15.80
C ASN A 408 30.69 2.49 15.11
N LYS A 409 31.47 1.49 15.50
CA LYS A 409 31.39 0.15 14.89
C LYS A 409 30.61 -0.81 15.78
N GLU A 416 38.61 1.01 16.04
CA GLU A 416 40.02 0.65 16.09
C GLU A 416 40.92 1.70 15.41
N PRO A 417 40.60 2.09 14.16
CA PRO A 417 41.35 3.17 13.53
C PRO A 417 40.64 4.54 13.58
N LYS A 418 41.22 5.53 12.91
CA LYS A 418 40.74 6.91 12.91
C LYS A 418 39.78 7.14 11.73
N LEU A 419 38.71 7.91 11.98
CA LEU A 419 37.75 8.30 10.94
C LEU A 419 37.13 9.65 11.25
N GLY A 420 36.86 10.43 10.21
CA GLY A 420 36.24 11.74 10.38
C GLY A 420 35.40 12.19 9.21
N ALA A 421 34.91 13.43 9.28
CA ALA A 421 34.18 14.05 8.19
C ALA A 421 34.88 15.35 7.78
N SER A 422 35.14 15.51 6.48
CA SER A 422 35.87 16.69 6.00
C SER A 422 34.94 17.87 5.70
N GLN A 423 33.75 17.57 5.19
CA GLN A 423 32.76 18.59 4.89
C GLN A 423 31.35 18.12 5.23
N ILE A 424 30.58 18.99 5.87
CA ILE A 424 29.16 18.74 6.14
C ILE A 424 28.31 19.89 5.64
N THR A 425 27.36 19.57 4.76
CA THR A 425 26.44 20.57 4.21
C THR A 425 25.04 20.35 4.76
N VAL A 426 24.47 21.42 5.29
CA VAL A 426 23.11 21.39 5.80
C VAL A 426 22.26 22.41 5.05
N GLN A 427 21.13 21.96 4.51
CA GLN A 427 20.18 22.85 3.84
C GLN A 427 18.86 22.92 4.58
N SER A 428 18.49 24.13 4.97
CA SER A 428 17.25 24.37 5.69
C SER A 428 16.08 24.28 4.72
N GLY A 429 15.13 23.40 5.03
CA GLY A 429 13.95 23.23 4.19
C GLY A 429 13.18 24.52 4.02
N GLU A 430 13.09 25.29 5.10
CA GLU A 430 12.20 26.44 5.18
C GLU A 430 12.59 27.58 4.25
N ASP A 431 13.77 28.14 4.46
CA ASP A 431 14.23 29.31 3.70
C ASP A 431 15.24 28.96 2.62
N GLY A 432 15.56 27.67 2.49
CA GLY A 432 16.45 27.19 1.45
C GLY A 432 17.91 27.34 1.78
N THR A 433 18.21 28.10 2.84
CA THR A 433 19.58 28.48 3.21
C THR A 433 20.48 27.25 3.37
N GLU A 434 21.69 27.37 2.83
CA GLU A 434 22.64 26.27 2.79
C GLU A 434 23.89 26.61 3.61
N TYR A 435 24.23 25.73 4.56
CA TYR A 435 25.36 25.96 5.47
C TYR A 435 26.49 24.95 5.25
N ASN A 436 27.70 25.46 5.00
CA ASN A 436 28.89 24.62 4.79
C ASN A 436 29.80 24.61 6.00
N PHE A 437 30.30 23.42 6.35
CA PHE A 437 31.16 23.24 7.51
C PHE A 437 32.33 22.33 7.17
N CYS A 438 33.44 22.56 7.84
CA CYS A 438 34.73 21.95 7.47
C CYS A 438 35.57 21.53 8.67
N SER A 439 36.47 20.57 8.43
CA SER A 439 37.50 20.16 9.40
C SER A 439 38.46 19.13 8.79
N SER A 440 39.74 19.30 9.10
CA SER A 440 40.78 18.40 8.62
C SER A 440 41.00 17.20 9.55
N ASP A 441 40.28 17.17 10.66
CA ASP A 441 40.47 16.13 11.66
C ASP A 441 39.81 14.78 11.33
N THR A 442 40.31 13.74 12.00
CA THR A 442 39.74 12.40 11.96
C THR A 442 39.82 11.89 13.38
N VAL A 443 38.80 11.16 13.81
CA VAL A 443 38.72 10.76 15.22
C VAL A 443 38.46 9.27 15.43
N GLU A 444 38.67 8.84 16.68
CA GLU A 444 38.30 7.51 17.09
C GLU A 444 36.78 7.46 17.30
N GLU A 445 36.24 6.25 17.17
CA GLU A 445 34.85 5.91 17.49
C GLU A 445 34.30 6.68 18.70
N ASN A 446 33.05 7.16 18.57
CA ASN A 446 32.33 7.85 19.66
C ASN A 446 32.77 9.27 20.00
N VAL A 447 33.89 9.72 19.44
CA VAL A 447 34.37 11.08 19.68
C VAL A 447 33.65 12.07 18.78
N LEU A 448 32.98 13.05 19.41
CA LEU A 448 32.29 14.12 18.70
C LEU A 448 33.29 15.09 18.07
N GLN A 449 33.62 14.87 16.81
CA GLN A 449 34.40 15.80 16.02
C GLN A 449 33.50 16.98 15.71
N SER A 450 34.04 18.20 15.78
CA SER A 450 33.24 19.37 15.46
C SER A 450 33.78 20.10 14.24
N LEU A 451 32.90 20.32 13.26
CA LEU A 451 33.22 21.07 12.04
C LEU A 451 32.89 22.55 12.18
N TYR A 452 33.54 23.39 11.39
CA TYR A 452 33.39 24.86 11.48
C TYR A 452 33.07 25.50 10.12
N PRO A 453 32.32 26.62 10.11
CA PRO A 453 31.90 27.29 8.87
C PRO A 453 33.02 27.54 7.86
N CYS A 454 32.72 27.34 6.58
CA CYS A 454 33.68 27.53 5.49
C CYS A 454 32.96 27.90 4.18
N LYS B 3 -18.20 -38.60 16.94
CA LYS B 3 -18.64 -39.11 15.60
C LYS B 3 -17.47 -39.20 14.61
N GLU B 4 -17.34 -40.35 13.95
CA GLU B 4 -16.24 -40.60 13.01
C GLU B 4 -16.63 -41.61 11.93
N VAL B 5 -15.85 -41.64 10.85
CA VAL B 5 -16.09 -42.60 9.79
C VAL B 5 -14.78 -43.28 9.39
N CYS B 6 -14.82 -44.57 9.10
CA CYS B 6 -13.63 -45.31 8.70
C CYS B 6 -13.80 -45.91 7.31
N TYR B 7 -12.72 -45.88 6.54
CA TYR B 7 -12.71 -46.42 5.18
C TYR B 7 -11.47 -47.27 4.95
N GLY B 8 -11.61 -48.58 5.11
CA GLY B 8 -10.56 -49.53 4.74
C GLY B 8 -9.17 -49.12 5.18
N GLN B 9 -8.20 -49.28 4.28
CA GLN B 9 -6.79 -49.06 4.62
C GLN B 9 -6.37 -47.58 4.67
N LEU B 10 -7.36 -46.70 4.59
CA LEU B 10 -7.10 -45.27 4.72
C LEU B 10 -7.21 -44.83 6.20
N GLY B 11 -7.67 -45.74 7.05
CA GLY B 11 -7.85 -45.45 8.47
C GLY B 11 -9.13 -44.69 8.74
N CYS B 12 -9.20 -44.04 9.90
CA CYS B 12 -10.43 -43.37 10.33
C CYS B 12 -10.38 -41.84 10.20
N PHE B 13 -11.55 -41.21 10.29
CA PHE B 13 -11.71 -39.78 10.10
C PHE B 13 -12.77 -39.29 11.06
N SER B 14 -12.37 -38.52 12.08
CA SER B 14 -13.32 -37.93 13.02
C SER B 14 -13.63 -36.46 12.70
N ASP B 15 -14.79 -35.99 13.15
CA ASP B 15 -15.15 -34.57 13.02
C ASP B 15 -14.67 -33.75 14.22
N GLU B 16 -13.83 -34.37 15.04
CA GLU B 16 -13.15 -33.66 16.12
C GLU B 16 -12.49 -32.38 15.61
N LYS B 17 -12.74 -31.30 16.36
CA LYS B 17 -12.01 -30.04 16.24
C LYS B 17 -10.50 -30.37 16.19
N PRO B 18 -9.75 -29.79 15.23
CA PRO B 18 -10.11 -28.71 14.32
C PRO B 18 -10.60 -29.09 12.92
N TRP B 19 -11.13 -30.31 12.72
CA TRP B 19 -11.58 -30.70 11.38
C TRP B 19 -12.93 -30.10 11.02
N ALA B 20 -13.81 -30.04 12.02
CA ALA B 20 -15.14 -29.45 11.89
C ALA B 20 -15.50 -28.93 13.26
N GLY B 21 -16.59 -28.18 13.37
CA GLY B 21 -16.98 -27.59 14.65
C GLY B 21 -16.16 -26.39 15.11
N THR B 22 -15.14 -26.02 14.32
CA THR B 22 -14.42 -24.76 14.46
C THR B 22 -15.33 -23.67 13.89
N LEU B 23 -15.06 -22.40 14.20
CA LEU B 23 -15.91 -21.31 13.68
C LEU B 23 -15.84 -21.11 12.17
N GLN B 24 -14.72 -21.49 11.56
CA GLN B 24 -14.58 -21.40 10.12
C GLN B 24 -15.29 -22.54 9.40
N ARG B 25 -15.34 -23.70 10.06
CA ARG B 25 -16.08 -24.84 9.53
C ARG B 25 -17.12 -25.30 10.56
N PRO B 26 -18.22 -24.55 10.67
CA PRO B 26 -19.15 -24.61 11.81
C PRO B 26 -19.97 -25.88 11.87
N VAL B 27 -20.51 -26.30 10.72
CA VAL B 27 -21.24 -27.57 10.63
C VAL B 27 -20.28 -28.72 10.85
N LYS B 28 -20.76 -29.75 11.55
CA LYS B 28 -19.91 -30.84 11.95
C LYS B 28 -20.07 -31.95 10.92
N LEU B 29 -19.14 -31.96 9.96
CA LEU B 29 -19.29 -32.76 8.76
C LEU B 29 -18.14 -33.78 8.57
N LEU B 30 -18.39 -34.81 7.76
CA LEU B 30 -17.40 -35.87 7.54
C LEU B 30 -17.20 -36.16 6.07
N PRO B 31 -15.98 -36.56 5.68
CA PRO B 31 -15.69 -36.83 4.28
C PRO B 31 -16.56 -37.95 3.71
N TRP B 32 -16.90 -37.82 2.43
CA TRP B 32 -17.64 -38.87 1.71
C TRP B 32 -16.77 -40.12 1.58
N SER B 33 -17.40 -41.22 1.19
CA SER B 33 -16.70 -42.47 0.98
C SER B 33 -15.75 -42.36 -0.21
N PRO B 34 -14.65 -43.13 -0.20
CA PRO B 34 -13.75 -43.18 -1.37
C PRO B 34 -14.52 -43.46 -2.66
N GLU B 35 -15.48 -44.38 -2.60
CA GLU B 35 -16.33 -44.68 -3.77
C GLU B 35 -17.07 -43.44 -4.30
N ASP B 36 -17.69 -42.68 -3.40
CA ASP B 36 -18.42 -41.47 -3.76
C ASP B 36 -17.51 -40.35 -4.26
N ILE B 37 -16.29 -40.30 -3.75
CA ILE B 37 -15.29 -39.32 -4.18
C ILE B 37 -14.65 -39.74 -5.49
N ASP B 38 -14.36 -41.04 -5.61
CA ASP B 38 -13.83 -41.66 -6.83
C ASP B 38 -12.53 -41.04 -7.33
N THR B 39 -11.53 -40.98 -6.45
CA THR B 39 -10.19 -40.51 -6.81
C THR B 39 -9.60 -41.43 -7.86
N ARG B 40 -9.08 -40.84 -8.93
CA ARG B 40 -8.44 -41.60 -10.00
C ARG B 40 -7.04 -41.08 -10.24
N PHE B 41 -6.07 -41.99 -10.31
CA PHE B 41 -4.67 -41.59 -10.49
C PHE B 41 -4.25 -41.76 -11.94
N LEU B 42 -4.36 -40.69 -12.71
CA LEU B 42 -4.05 -40.70 -14.14
C LEU B 42 -2.55 -40.52 -14.37
N LEU B 43 -1.90 -41.56 -14.88
CA LEU B 43 -0.47 -41.52 -15.15
C LEU B 43 -0.16 -41.15 -16.58
N TYR B 44 0.63 -40.10 -16.74
CA TYR B 44 1.16 -39.71 -18.04
C TYR B 44 2.67 -39.83 -18.01
N THR B 45 3.25 -40.28 -19.12
CA THR B 45 4.70 -40.33 -19.25
C THR B 45 5.11 -39.83 -20.63
N ASN B 46 6.42 -39.70 -20.85
CA ASN B 46 6.94 -39.30 -22.15
C ASN B 46 6.52 -40.27 -23.26
N GLU B 47 6.16 -41.49 -22.87
CA GLU B 47 5.75 -42.53 -23.82
C GLU B 47 4.23 -42.51 -24.08
N ASN B 48 3.45 -42.18 -23.06
CA ASN B 48 2.01 -41.97 -23.23
C ASN B 48 1.60 -40.55 -22.85
N PRO B 49 1.88 -39.57 -23.74
CA PRO B 49 1.76 -38.17 -23.36
C PRO B 49 0.34 -37.62 -23.43
N ASN B 50 -0.52 -38.27 -24.20
CA ASN B 50 -1.86 -37.77 -24.49
C ASN B 50 -2.95 -38.56 -23.79
N ASN B 51 -2.76 -39.87 -23.70
CA ASN B 51 -3.74 -40.73 -23.04
C ASN B 51 -3.18 -41.30 -21.75
N PHE B 52 -3.98 -41.23 -20.70
CA PHE B 52 -3.51 -41.63 -19.38
C PHE B 52 -3.46 -43.14 -19.20
N GLN B 53 -2.99 -43.54 -18.02
CA GLN B 53 -2.91 -44.93 -17.62
C GLN B 53 -3.30 -44.98 -16.15
N LEU B 54 -4.22 -45.87 -15.83
CA LEU B 54 -4.83 -45.90 -14.50
C LEU B 54 -3.99 -46.73 -13.54
N ILE B 55 -3.42 -46.07 -12.52
CA ILE B 55 -2.60 -46.74 -11.50
C ILE B 55 -3.26 -46.67 -10.13
N THR B 56 -3.02 -47.70 -9.31
CA THR B 56 -3.65 -47.82 -7.99
C THR B 56 -2.71 -48.30 -6.90
N GLY B 57 -3.06 -47.97 -5.65
CA GLY B 57 -2.37 -48.49 -4.47
C GLY B 57 -3.00 -49.77 -3.99
N THR B 58 -4.28 -49.96 -4.31
CA THR B 58 -4.99 -51.22 -4.04
C THR B 58 -4.40 -52.39 -4.83
N GLU B 59 -3.81 -52.08 -5.99
CA GLU B 59 -3.19 -53.09 -6.84
C GLU B 59 -1.85 -52.58 -7.37
N PRO B 60 -0.75 -52.97 -6.70
CA PRO B 60 0.61 -52.60 -7.12
C PRO B 60 0.99 -53.19 -8.49
N ASP B 61 0.28 -54.23 -8.91
CA ASP B 61 0.48 -54.87 -10.21
C ASP B 61 0.32 -53.87 -11.36
N THR B 62 -0.63 -52.96 -11.21
CA THR B 62 -0.95 -51.96 -12.24
C THR B 62 0.17 -50.94 -12.46
N ILE B 63 1.03 -50.77 -11.45
CA ILE B 63 2.15 -49.83 -11.54
C ILE B 63 3.26 -50.41 -12.41
N GLU B 64 3.51 -51.71 -12.23
CA GLU B 64 4.53 -52.42 -13.00
C GLU B 64 4.11 -52.48 -14.47
N ALA B 65 2.84 -52.77 -14.72
CA ALA B 65 2.31 -52.91 -16.08
C ALA B 65 2.13 -51.57 -16.80
N SER B 66 2.63 -50.50 -16.19
CA SER B 66 2.50 -49.15 -16.76
C SER B 66 3.82 -48.66 -17.38
N ASN B 67 3.87 -47.37 -17.69
CA ASN B 67 5.07 -46.72 -18.20
C ASN B 67 5.86 -46.02 -17.11
N PHE B 68 5.70 -46.48 -15.87
CA PHE B 68 6.41 -45.88 -14.75
C PHE B 68 7.89 -46.26 -14.77
N GLN B 69 8.74 -45.27 -14.54
CA GLN B 69 10.17 -45.49 -14.45
C GLN B 69 10.68 -45.07 -13.07
N LEU B 70 11.46 -45.95 -12.44
CA LEU B 70 12.06 -45.65 -11.14
C LEU B 70 13.15 -44.58 -11.30
N ASP B 71 13.91 -44.69 -12.38
CA ASP B 71 15.02 -43.77 -12.67
C ASP B 71 14.57 -42.34 -12.99
N ARG B 72 13.27 -42.16 -13.24
CA ARG B 72 12.68 -40.83 -13.47
C ARG B 72 12.03 -40.28 -12.21
N LYS B 73 11.98 -38.95 -12.11
CA LYS B 73 11.27 -38.25 -11.03
C LYS B 73 9.75 -38.40 -11.17
N THR B 74 9.02 -38.03 -10.12
CA THR B 74 7.57 -38.18 -10.08
C THR B 74 6.85 -36.91 -9.60
N ARG B 75 6.00 -36.38 -10.48
CA ARG B 75 5.19 -35.21 -10.14
C ARG B 75 3.70 -35.57 -10.09
N PHE B 76 3.08 -35.25 -8.96
CA PHE B 76 1.62 -35.31 -8.78
C PHE B 76 1.00 -33.95 -9.03
N ILE B 77 -0.18 -33.92 -9.65
CA ILE B 77 -0.90 -32.66 -9.85
C ILE B 77 -2.38 -32.77 -9.40
N ILE B 78 -2.75 -31.95 -8.43
CA ILE B 78 -4.09 -31.98 -7.86
C ILE B 78 -4.86 -30.69 -8.04
N HIS B 79 -6.04 -30.80 -8.65
CA HIS B 79 -6.93 -29.67 -8.84
C HIS B 79 -7.69 -29.38 -7.55
N GLY B 80 -8.38 -28.25 -7.52
CA GLY B 80 -9.21 -27.87 -6.40
C GLY B 80 -10.69 -28.04 -6.68
N PHE B 81 -11.46 -27.15 -6.07
CA PHE B 81 -12.93 -27.16 -6.12
C PHE B 81 -13.48 -27.12 -7.54
N LEU B 82 -14.50 -27.96 -7.77
CA LEU B 82 -15.26 -28.00 -9.03
C LEU B 82 -14.44 -28.07 -10.31
N ASP B 83 -13.35 -28.84 -10.29
CA ASP B 83 -12.44 -28.92 -11.42
C ASP B 83 -12.24 -30.40 -11.80
N LYS B 84 -11.37 -30.65 -12.77
CA LYS B 84 -10.95 -32.01 -13.14
C LYS B 84 -9.49 -32.04 -13.63
N ALA B 85 -8.95 -33.23 -13.86
CA ALA B 85 -7.55 -33.35 -14.29
C ALA B 85 -7.44 -33.56 -15.78
N GLU B 86 -8.23 -34.51 -16.27
CA GLU B 86 -8.24 -34.93 -17.66
C GLU B 86 -8.75 -33.82 -18.57
N ASP B 87 -8.07 -33.63 -19.70
CA ASP B 87 -8.40 -32.58 -20.68
C ASP B 87 -8.66 -31.22 -20.04
N SER B 88 -7.80 -30.85 -19.09
CA SER B 88 -7.74 -29.50 -18.53
C SER B 88 -6.34 -29.21 -18.00
N TRP B 89 -6.20 -28.12 -17.22
CA TRP B 89 -4.89 -27.56 -16.88
C TRP B 89 -3.81 -28.51 -16.32
N PRO B 90 -4.19 -29.51 -15.49
CA PRO B 90 -3.21 -30.50 -15.04
C PRO B 90 -2.65 -31.35 -16.18
N SER B 91 -3.53 -31.99 -16.95
CA SER B 91 -3.12 -32.83 -18.06
C SER B 91 -2.27 -32.02 -19.05
N ASP B 92 -2.63 -30.75 -19.22
N ASP B 92 -2.63 -30.75 -19.22
CA ASP B 92 -1.87 -29.83 -20.06
CA ASP B 92 -1.87 -29.82 -20.06
C ASP B 92 -0.46 -29.60 -19.51
C ASP B 92 -0.46 -29.62 -19.50
N MET B 93 -0.36 -29.53 -18.18
CA MET B 93 0.92 -29.31 -17.50
C MET B 93 1.91 -30.45 -17.74
N CYS B 94 1.40 -31.68 -17.73
CA CYS B 94 2.23 -32.84 -18.01
C CYS B 94 2.77 -32.74 -19.42
N LYS B 95 1.89 -32.45 -20.38
CA LYS B 95 2.26 -32.29 -21.77
C LYS B 95 3.43 -31.31 -21.93
N LYS B 96 3.40 -30.22 -21.16
CA LYS B 96 4.49 -29.23 -21.17
C LYS B 96 5.77 -29.78 -20.55
N MET B 97 5.63 -30.57 -19.48
CA MET B 97 6.78 -31.12 -18.76
C MET B 97 7.61 -32.06 -19.61
N PHE B 98 6.93 -32.82 -20.47
CA PHE B 98 7.59 -33.79 -21.33
C PHE B 98 8.51 -33.14 -22.34
N GLU B 99 8.32 -31.84 -22.57
CA GLU B 99 9.20 -31.09 -23.46
C GLU B 99 10.59 -30.87 -22.85
N VAL B 100 10.64 -30.74 -21.53
CA VAL B 100 11.87 -30.32 -20.85
C VAL B 100 12.54 -31.40 -19.97
N GLU B 101 11.79 -32.42 -19.59
CA GLU B 101 12.31 -33.49 -18.73
C GLU B 101 11.61 -34.82 -18.94
N LYS B 102 12.27 -35.90 -18.52
CA LYS B 102 11.66 -37.23 -18.51
C LYS B 102 11.05 -37.45 -17.12
N VAL B 103 9.74 -37.69 -17.07
CA VAL B 103 9.01 -37.66 -15.77
C VAL B 103 7.73 -38.52 -15.72
N ASN B 104 7.44 -39.06 -14.53
CA ASN B 104 6.17 -39.75 -14.26
C ASN B 104 5.15 -38.75 -13.74
N CYS B 105 4.22 -38.38 -14.61
CA CYS B 105 3.24 -37.34 -14.29
C CYS B 105 1.90 -37.95 -13.87
N ILE B 106 1.66 -37.98 -12.57
CA ILE B 106 0.39 -38.50 -12.05
C ILE B 106 -0.56 -37.36 -11.72
N CYS B 107 -1.67 -37.32 -12.45
CA CYS B 107 -2.73 -36.36 -12.18
C CYS B 107 -3.76 -36.99 -11.27
N VAL B 108 -4.00 -36.35 -10.13
CA VAL B 108 -5.01 -36.83 -9.21
C VAL B 108 -6.35 -36.21 -9.55
N ASP B 109 -7.24 -37.02 -10.08
CA ASP B 109 -8.54 -36.55 -10.50
C ASP B 109 -9.61 -36.99 -9.51
N TRP B 110 -10.20 -36.00 -8.84
CA TRP B 110 -11.27 -36.25 -7.89
C TRP B 110 -12.46 -35.35 -8.22
N ARG B 111 -12.79 -35.27 -9.51
CA ARG B 111 -13.79 -34.33 -10.00
C ARG B 111 -15.17 -34.50 -9.37
N HIS B 112 -15.44 -35.69 -8.86
CA HIS B 112 -16.71 -35.98 -8.21
C HIS B 112 -16.68 -35.53 -6.76
N GLY B 113 -15.52 -35.67 -6.14
CA GLY B 113 -15.32 -35.25 -4.76
C GLY B 113 -15.37 -33.74 -4.66
N SER B 114 -14.96 -33.09 -5.74
CA SER B 114 -14.95 -31.63 -5.81
C SER B 114 -16.33 -31.04 -6.14
N ARG B 115 -17.25 -31.86 -6.62
N ARG B 115 -17.22 -31.85 -6.69
CA ARG B 115 -18.58 -31.40 -7.03
CA ARG B 115 -18.58 -31.39 -7.00
C ARG B 115 -19.61 -31.54 -5.91
C ARG B 115 -19.49 -31.61 -5.81
N ALA B 116 -19.55 -30.61 -4.95
CA ALA B 116 -20.39 -30.63 -3.77
C ALA B 116 -20.33 -29.26 -3.16
N MET B 117 -21.03 -29.07 -2.04
CA MET B 117 -20.96 -27.85 -1.28
C MET B 117 -19.52 -27.69 -0.77
N TYR B 118 -18.97 -26.48 -0.84
CA TYR B 118 -17.55 -26.29 -0.56
C TYR B 118 -17.10 -26.88 0.79
N THR B 119 -17.94 -26.70 1.79
CA THR B 119 -17.72 -27.23 3.12
C THR B 119 -17.56 -28.76 3.10
N GLN B 120 -18.37 -29.43 2.29
CA GLN B 120 -18.32 -30.88 2.15
C GLN B 120 -17.01 -31.28 1.50
N ALA B 121 -16.57 -30.46 0.54
CA ALA B 121 -15.35 -30.72 -0.23
C ALA B 121 -14.07 -30.53 0.60
N VAL B 122 -14.08 -29.52 1.47
CA VAL B 122 -13.02 -29.30 2.45
C VAL B 122 -12.73 -30.60 3.20
N GLN B 123 -13.79 -31.32 3.53
CA GLN B 123 -13.71 -32.58 4.21
C GLN B 123 -13.27 -33.69 3.25
N ASN B 124 -13.75 -33.65 2.01
CA ASN B 124 -13.44 -34.70 1.04
C ASN B 124 -11.95 -34.83 0.72
N ILE B 125 -11.22 -33.72 0.81
CA ILE B 125 -9.78 -33.69 0.49
C ILE B 125 -8.96 -34.51 1.48
N ARG B 126 -9.54 -34.79 2.64
CA ARG B 126 -8.93 -35.72 3.60
C ARG B 126 -8.81 -37.11 2.99
N VAL B 127 -9.92 -37.64 2.50
CA VAL B 127 -9.91 -38.95 1.84
C VAL B 127 -8.96 -38.93 0.63
N VAL B 128 -9.00 -37.88 -0.17
CA VAL B 128 -8.11 -37.77 -1.33
C VAL B 128 -6.65 -37.70 -0.87
N GLY B 129 -6.39 -36.93 0.18
CA GLY B 129 -5.04 -36.81 0.73
C GLY B 129 -4.52 -38.17 1.14
N ALA B 130 -5.34 -38.89 1.89
CA ALA B 130 -5.04 -40.23 2.34
C ALA B 130 -4.69 -41.17 1.19
N GLU B 131 -5.44 -41.07 0.10
CA GLU B 131 -5.28 -42.00 -1.03
C GLU B 131 -3.99 -41.74 -1.76
N THR B 132 -3.66 -40.46 -1.90
CA THR B 132 -2.43 -40.06 -2.55
C THR B 132 -1.26 -40.55 -1.73
N ALA B 133 -1.29 -40.23 -0.44
CA ALA B 133 -0.28 -40.68 0.51
C ALA B 133 -0.06 -42.17 0.40
N PHE B 134 -1.16 -42.94 0.42
CA PHE B 134 -1.11 -44.40 0.27
C PHE B 134 -0.35 -44.85 -0.98
N LEU B 135 -0.77 -44.35 -2.14
CA LEU B 135 -0.15 -44.69 -3.42
C LEU B 135 1.33 -44.32 -3.43
N ILE B 136 1.65 -43.15 -2.90
CA ILE B 136 3.04 -42.71 -2.77
C ILE B 136 3.80 -43.69 -1.89
N GLN B 137 3.21 -44.04 -0.75
CA GLN B 137 3.84 -44.99 0.16
C GLN B 137 3.91 -46.40 -0.45
N ALA B 138 2.98 -46.71 -1.34
CA ALA B 138 3.04 -47.96 -2.10
C ALA B 138 4.27 -47.98 -2.99
N LEU B 139 4.63 -46.82 -3.53
CA LEU B 139 5.77 -46.67 -4.42
C LEU B 139 7.10 -47.01 -3.74
N SER B 140 7.27 -46.57 -2.50
CA SER B 140 8.49 -46.87 -1.76
C SER B 140 8.54 -48.34 -1.36
N THR B 141 7.42 -48.83 -0.84
CA THR B 141 7.32 -50.18 -0.30
C THR B 141 7.41 -51.26 -1.39
N GLN B 142 6.61 -51.11 -2.45
CA GLN B 142 6.57 -52.11 -3.51
C GLN B 142 7.73 -51.99 -4.51
N LEU B 143 8.10 -50.76 -4.86
CA LEU B 143 9.08 -50.54 -5.93
C LEU B 143 10.41 -49.92 -5.44
N GLY B 144 10.51 -49.64 -4.16
CA GLY B 144 11.72 -49.06 -3.59
C GLY B 144 11.99 -47.62 -3.99
N TYR B 145 10.93 -46.85 -4.24
CA TYR B 145 11.03 -45.44 -4.66
C TYR B 145 11.21 -44.49 -3.47
N SER B 146 12.18 -43.60 -3.56
CA SER B 146 12.51 -42.69 -2.46
C SER B 146 11.62 -41.46 -2.48
N LEU B 147 11.16 -41.06 -1.30
CA LEU B 147 10.20 -39.95 -1.18
C LEU B 147 10.83 -38.60 -1.51
N GLU B 148 12.14 -38.51 -1.35
CA GLU B 148 12.90 -37.34 -1.79
C GLU B 148 12.62 -37.02 -3.26
N ASP B 149 12.43 -38.08 -4.06
CA ASP B 149 12.21 -37.96 -5.51
C ASP B 149 10.78 -37.56 -5.93
N VAL B 150 9.90 -37.37 -4.94
CA VAL B 150 8.48 -37.11 -5.21
C VAL B 150 8.09 -35.64 -5.03
N HIS B 151 7.29 -35.14 -5.97
CA HIS B 151 6.77 -33.78 -5.95
C HIS B 151 5.25 -33.80 -6.10
N VAL B 152 4.56 -33.09 -5.20
CA VAL B 152 3.10 -32.99 -5.24
C VAL B 152 2.69 -31.53 -5.39
N ILE B 153 2.07 -31.21 -6.53
CA ILE B 153 1.68 -29.84 -6.87
C ILE B 153 0.17 -29.75 -6.79
N GLY B 154 -0.33 -28.84 -5.95
CA GLY B 154 -1.78 -28.66 -5.78
C GLY B 154 -2.27 -27.24 -5.97
N HIS B 155 -3.48 -27.10 -6.49
CA HIS B 155 -4.10 -25.78 -6.70
C HIS B 155 -5.31 -25.52 -5.79
N SER B 156 -5.26 -24.41 -5.04
CA SER B 156 -6.19 -24.09 -3.94
C SER B 156 -6.49 -25.28 -3.01
N LEU B 157 -7.71 -25.85 -3.07
CA LEU B 157 -8.02 -27.06 -2.30
C LEU B 157 -7.03 -28.17 -2.60
N GLY B 158 -6.46 -28.12 -3.81
CA GLY B 158 -5.46 -29.07 -4.23
C GLY B 158 -4.21 -28.95 -3.40
N ALA B 159 -3.88 -27.72 -3.00
CA ALA B 159 -2.67 -27.46 -2.23
C ALA B 159 -2.80 -28.00 -0.80
N HIS B 160 -3.99 -27.90 -0.24
CA HIS B 160 -4.24 -28.45 1.07
C HIS B 160 -4.39 -29.97 1.05
N THR B 161 -4.79 -30.53 -0.10
CA THR B 161 -4.77 -31.98 -0.27
C THR B 161 -3.33 -32.51 -0.33
N ALA B 162 -2.48 -31.84 -1.09
CA ALA B 162 -1.04 -32.15 -1.08
C ALA B 162 -0.54 -32.09 0.36
N ALA B 163 -0.92 -31.04 1.07
CA ALA B 163 -0.49 -30.82 2.47
C ALA B 163 -0.86 -31.97 3.38
N GLU B 164 -2.06 -32.53 3.15
CA GLU B 164 -2.57 -33.67 3.90
C GLU B 164 -1.79 -34.95 3.56
N ALA B 165 -1.57 -35.18 2.27
CA ALA B 165 -0.78 -36.32 1.84
C ALA B 165 0.62 -36.23 2.45
N GLY B 166 1.20 -35.05 2.43
CA GLY B 166 2.52 -34.83 3.01
C GLY B 166 2.55 -35.14 4.50
N ARG B 167 1.56 -34.61 5.23
CA ARG B 167 1.49 -34.78 6.69
C ARG B 167 1.35 -36.25 7.09
N ARG B 168 0.61 -37.00 6.28
CA ARG B 168 0.43 -38.42 6.54
C ARG B 168 1.71 -39.17 6.30
N LEU B 169 2.57 -38.64 5.44
CA LEU B 169 3.85 -39.26 5.15
C LEU B 169 4.99 -38.67 6.00
N GLY B 170 4.63 -38.02 7.10
CA GLY B 170 5.60 -37.51 8.07
C GLY B 170 6.49 -36.40 7.55
N GLY B 171 5.98 -35.67 6.56
CA GLY B 171 6.71 -34.54 5.96
C GLY B 171 7.96 -34.92 5.20
N ARG B 172 8.03 -36.19 4.81
CA ARG B 172 9.21 -36.74 4.13
C ARG B 172 9.10 -36.66 2.60
N VAL B 173 7.98 -36.13 2.13
CA VAL B 173 7.81 -35.85 0.71
C VAL B 173 8.86 -34.81 0.34
N GLY B 174 9.57 -35.06 -0.76
CA GLY B 174 10.65 -34.16 -1.21
C GLY B 174 10.21 -32.72 -1.41
N ARG B 175 9.08 -32.53 -2.07
CA ARG B 175 8.59 -31.19 -2.39
C ARG B 175 7.08 -31.14 -2.57
N ILE B 176 6.47 -30.09 -2.03
CA ILE B 176 5.08 -29.75 -2.31
C ILE B 176 4.99 -28.33 -2.88
N THR B 177 4.20 -28.14 -3.94
CA THR B 177 3.94 -26.81 -4.48
C THR B 177 2.48 -26.38 -4.33
N GLY B 178 2.29 -25.31 -3.58
CA GLY B 178 0.97 -24.77 -3.29
C GLY B 178 0.69 -23.64 -4.25
N LEU B 179 -0.37 -23.80 -5.05
CA LEU B 179 -0.72 -22.84 -6.10
C LEU B 179 -1.95 -22.11 -5.64
N ASP B 180 -1.74 -20.87 -5.21
CA ASP B 180 -2.77 -20.08 -4.51
C ASP B 180 -3.66 -20.94 -3.60
N PRO B 181 -3.10 -21.50 -2.50
CA PRO B 181 -3.84 -22.40 -1.61
C PRO B 181 -5.10 -21.74 -1.07
N ALA B 182 -6.17 -22.53 -0.92
CA ALA B 182 -7.49 -21.99 -0.55
C ALA B 182 -7.46 -21.24 0.79
N GLY B 183 -8.16 -20.12 0.83
CA GLY B 183 -8.20 -19.29 2.03
C GLY B 183 -9.29 -19.74 2.99
N PRO B 184 -10.56 -19.71 2.53
CA PRO B 184 -11.71 -20.13 3.32
C PRO B 184 -11.57 -21.55 3.86
N CYS B 185 -11.74 -21.70 5.17
CA CYS B 185 -11.65 -22.99 5.89
C CYS B 185 -10.22 -23.42 6.23
N PHE B 186 -9.24 -22.66 5.78
CA PHE B 186 -7.84 -23.01 6.00
C PHE B 186 -7.04 -21.90 6.67
N GLN B 187 -7.17 -20.67 6.17
CA GLN B 187 -6.34 -19.57 6.62
C GLN B 187 -6.52 -19.37 8.11
N ASP B 188 -5.41 -19.28 8.83
CA ASP B 188 -5.41 -19.08 10.29
C ASP B 188 -5.86 -20.27 11.13
N GLU B 189 -6.32 -21.33 10.46
CA GLU B 189 -6.60 -22.58 11.13
C GLU B 189 -5.26 -23.27 11.46
N PRO B 190 -5.28 -24.30 12.36
CA PRO B 190 -4.07 -24.97 12.82
C PRO B 190 -3.30 -25.69 11.71
N GLU B 191 -1.99 -25.85 11.92
CA GLU B 191 -1.08 -26.42 10.92
C GLU B 191 -1.50 -27.79 10.41
N GLU B 192 -2.35 -28.44 11.20
CA GLU B 192 -2.75 -29.83 10.97
C GLU B 192 -3.74 -29.97 9.83
N VAL B 193 -4.50 -28.92 9.56
CA VAL B 193 -5.60 -28.99 8.60
C VAL B 193 -5.32 -28.23 7.31
N ARG B 194 -4.21 -27.48 7.30
CA ARG B 194 -3.81 -26.66 6.16
C ARG B 194 -2.40 -27.01 5.69
N LEU B 195 -1.98 -26.35 4.63
CA LEU B 195 -0.61 -26.43 4.13
C LEU B 195 0.31 -25.59 4.99
N ASP B 196 1.38 -26.22 5.47
CA ASP B 196 2.45 -25.55 6.21
C ASP B 196 3.82 -26.16 5.86
N PRO B 197 4.92 -25.40 6.12
CA PRO B 197 6.29 -25.81 5.75
C PRO B 197 6.69 -27.23 6.18
N SER B 198 6.02 -27.77 7.19
CA SER B 198 6.40 -29.09 7.69
C SER B 198 5.80 -30.26 6.87
N ASP B 199 4.93 -29.96 5.91
CA ASP B 199 4.24 -31.00 5.15
C ASP B 199 5.13 -31.71 4.14
N ALA B 200 6.23 -31.04 3.78
CA ALA B 200 7.24 -31.63 2.92
C ALA B 200 8.62 -31.13 3.30
N VAL B 201 9.65 -31.76 2.74
CA VAL B 201 11.02 -31.29 2.89
C VAL B 201 11.14 -29.87 2.34
N PHE B 202 10.50 -29.62 1.21
CA PHE B 202 10.46 -28.31 0.57
C PHE B 202 9.01 -27.92 0.22
N VAL B 203 8.59 -26.75 0.69
CA VAL B 203 7.27 -26.24 0.37
C VAL B 203 7.43 -24.88 -0.32
N ASP B 204 6.91 -24.74 -1.55
CA ASP B 204 6.88 -23.45 -2.25
C ASP B 204 5.47 -23.05 -2.64
N VAL B 205 5.12 -21.80 -2.34
CA VAL B 205 3.77 -21.26 -2.57
C VAL B 205 3.77 -20.08 -3.54
N ILE B 206 2.80 -20.08 -4.45
CA ILE B 206 2.57 -18.94 -5.34
C ILE B 206 1.19 -18.35 -5.05
N HIS B 207 1.21 -17.14 -4.47
CA HIS B 207 0.01 -16.44 -4.02
C HIS B 207 -0.45 -15.49 -5.12
N THR B 208 -1.67 -15.67 -5.62
CA THR B 208 -2.17 -14.80 -6.70
C THR B 208 -3.55 -14.20 -6.50
N ASP B 209 -4.34 -14.74 -5.57
CA ASP B 209 -5.66 -14.19 -5.26
C ASP B 209 -5.84 -14.04 -3.77
N SER B 210 -4.80 -13.59 -3.09
CA SER B 210 -4.78 -13.53 -1.63
C SER B 210 -5.76 -12.53 -1.03
N SER B 211 -6.23 -12.86 0.18
CA SER B 211 -7.26 -12.11 0.90
C SER B 211 -7.26 -12.54 2.36
N PRO B 212 -7.61 -11.63 3.29
CA PRO B 212 -7.87 -12.10 4.64
C PRO B 212 -9.21 -12.84 4.69
N ILE B 213 -9.62 -13.27 5.87
CA ILE B 213 -10.92 -13.90 6.03
C ILE B 213 -12.05 -12.88 5.82
N VAL B 214 -11.97 -11.75 6.52
CA VAL B 214 -12.93 -10.65 6.34
C VAL B 214 -12.18 -9.32 6.15
N PRO B 215 -12.49 -8.58 5.08
CA PRO B 215 -13.48 -8.94 4.07
C PRO B 215 -12.89 -9.91 3.07
N SER B 216 -13.75 -10.75 2.47
CA SER B 216 -13.28 -11.72 1.51
C SER B 216 -13.04 -11.01 0.19
N LEU B 217 -11.77 -10.83 -0.17
CA LEU B 217 -11.36 -10.08 -1.36
C LEU B 217 -10.78 -10.96 -2.46
N GLY B 218 -10.88 -12.27 -2.27
CA GLY B 218 -10.26 -13.25 -3.15
C GLY B 218 -10.31 -14.61 -2.47
N PHE B 219 -9.95 -15.65 -3.23
CA PHE B 219 -10.10 -17.01 -2.77
C PHE B 219 -8.81 -17.59 -2.18
N GLY B 220 -7.67 -16.89 -2.37
CA GLY B 220 -6.35 -17.37 -1.91
C GLY B 220 -5.91 -16.87 -0.54
N MET B 221 -4.92 -17.54 0.06
CA MET B 221 -4.41 -17.15 1.39
C MET B 221 -3.45 -15.98 1.30
N SER B 222 -3.59 -15.02 2.21
CA SER B 222 -2.55 -14.04 2.42
C SER B 222 -1.43 -14.63 3.31
N GLN B 223 -1.79 -15.63 4.12
CA GLN B 223 -0.87 -16.28 5.05
C GLN B 223 0.32 -16.93 4.35
N LYS B 224 1.51 -16.61 4.82
CA LYS B 224 2.73 -17.22 4.32
C LYS B 224 2.76 -18.65 4.87
N VAL B 225 2.84 -19.65 3.99
CA VAL B 225 2.68 -21.04 4.43
C VAL B 225 3.67 -22.05 3.84
N GLY B 226 4.75 -21.54 3.26
CA GLY B 226 5.80 -22.41 2.70
C GLY B 226 7.18 -22.05 3.17
N HIS B 227 8.18 -22.81 2.74
CA HIS B 227 9.55 -22.40 2.93
C HIS B 227 9.73 -21.15 2.10
N LEU B 228 9.15 -21.16 0.89
CA LEU B 228 9.17 -20.03 -0.01
C LEU B 228 7.74 -19.58 -0.36
N ASP B 229 7.42 -18.33 -0.03
CA ASP B 229 6.13 -17.76 -0.39
C ASP B 229 6.32 -16.66 -1.41
N PHE B 230 5.87 -16.91 -2.64
CA PHE B 230 5.95 -15.92 -3.71
C PHE B 230 4.67 -15.11 -3.81
N PHE B 231 4.81 -13.79 -3.93
CA PHE B 231 3.67 -12.93 -4.12
C PHE B 231 3.83 -12.18 -5.45
N PRO B 232 3.58 -12.88 -6.58
CA PRO B 232 3.73 -12.20 -7.87
C PRO B 232 2.75 -11.06 -8.04
N ASN B 233 3.24 -9.92 -8.51
CA ASN B 233 2.39 -8.75 -8.75
C ASN B 233 1.75 -8.20 -7.47
N GLY B 234 2.24 -8.65 -6.32
CA GLY B 234 1.67 -8.24 -5.04
C GLY B 234 0.75 -9.27 -4.42
N GLY B 235 0.39 -10.29 -5.20
CA GLY B 235 -0.40 -11.41 -4.70
C GLY B 235 -1.90 -11.20 -4.63
N LYS B 236 -2.37 -9.98 -4.89
CA LYS B 236 -3.80 -9.66 -4.74
C LYS B 236 -4.57 -9.56 -6.07
N GLU B 237 -4.02 -8.84 -7.03
CA GLU B 237 -4.64 -8.66 -8.36
C GLU B 237 -3.59 -8.61 -9.48
N MET B 238 -3.67 -9.58 -10.38
CA MET B 238 -2.64 -9.82 -11.41
C MET B 238 -2.93 -9.02 -12.69
N PRO B 239 -1.88 -8.51 -13.35
CA PRO B 239 -2.14 -7.81 -14.60
C PRO B 239 -2.64 -8.80 -15.65
N GLY B 240 -3.72 -8.42 -16.30
CA GLY B 240 -4.40 -9.29 -17.25
C GLY B 240 -5.84 -9.52 -16.86
N CYS B 241 -6.16 -9.37 -15.57
CA CYS B 241 -7.51 -9.61 -15.06
C CYS B 241 -8.22 -8.30 -14.69
N GLY B 258 -19.37 -12.04 -5.72
CA GLY B 258 -18.51 -12.97 -4.96
C GLY B 258 -18.60 -14.46 -5.33
N ILE B 259 -19.82 -14.91 -5.64
CA ILE B 259 -20.07 -16.26 -6.13
C ILE B 259 -19.14 -16.59 -7.28
N GLY B 260 -18.51 -17.76 -7.22
CA GLY B 260 -17.59 -18.20 -8.26
C GLY B 260 -16.18 -17.63 -8.12
N GLY B 261 -15.89 -17.00 -6.99
CA GLY B 261 -14.55 -16.49 -6.71
C GLY B 261 -13.43 -17.47 -7.01
N PHE B 262 -13.72 -18.75 -6.84
CA PHE B 262 -12.72 -19.81 -7.11
C PHE B 262 -12.39 -19.99 -8.60
N VAL B 263 -13.17 -19.36 -9.49
CA VAL B 263 -12.82 -19.32 -10.91
C VAL B 263 -12.32 -17.96 -11.36
N SER B 264 -12.16 -17.04 -10.42
CA SER B 264 -11.55 -15.74 -10.67
C SER B 264 -10.22 -15.83 -11.44
N CYS B 265 -10.02 -14.94 -12.41
CA CYS B 265 -8.78 -14.90 -13.17
C CYS B 265 -7.52 -14.86 -12.29
N ASN B 266 -7.56 -14.06 -11.23
CA ASN B 266 -6.42 -13.95 -10.30
C ASN B 266 -6.10 -15.27 -9.63
N HIS B 267 -7.14 -15.98 -9.21
CA HIS B 267 -7.02 -17.28 -8.56
C HIS B 267 -6.38 -18.34 -9.46
N LEU B 268 -6.74 -18.35 -10.74
CA LEU B 268 -6.30 -19.37 -11.68
C LEU B 268 -4.91 -19.07 -12.21
N ARG B 269 -4.48 -17.82 -12.01
CA ARG B 269 -3.23 -17.36 -12.57
C ARG B 269 -2.05 -18.09 -11.95
N SER B 270 -2.24 -18.59 -10.73
CA SER B 270 -1.20 -19.36 -10.06
C SER B 270 -0.72 -20.57 -10.88
N PHE B 271 -1.64 -21.36 -11.42
CA PHE B 271 -1.25 -22.52 -12.25
C PHE B 271 -0.93 -22.15 -13.68
N GLU B 272 -1.26 -20.91 -14.05
CA GLU B 272 -0.87 -20.36 -15.34
C GLU B 272 0.60 -19.96 -15.29
N TYR B 273 0.99 -19.28 -14.21
CA TYR B 273 2.39 -18.93 -14.03
C TYR B 273 3.24 -20.19 -13.96
N TYR B 274 2.82 -21.14 -13.13
CA TYR B 274 3.59 -22.36 -12.93
C TYR B 274 3.81 -23.11 -14.25
N SER B 275 2.75 -23.29 -15.03
CA SER B 275 2.84 -23.96 -16.32
C SER B 275 3.89 -23.33 -17.24
N SER B 276 3.83 -22.01 -17.37
CA SER B 276 4.78 -21.28 -18.20
C SER B 276 6.20 -21.41 -17.65
N SER B 277 6.29 -21.48 -16.31
CA SER B 277 7.58 -21.62 -15.63
C SER B 277 8.30 -22.87 -16.10
N VAL B 278 7.52 -23.91 -16.36
CA VAL B 278 8.04 -25.18 -16.88
C VAL B 278 8.83 -24.99 -18.19
N LEU B 279 8.37 -24.08 -19.05
CA LEU B 279 9.01 -23.84 -20.35
C LEU B 279 9.92 -22.61 -20.42
N ASN B 280 9.74 -21.70 -19.47
CA ASN B 280 10.56 -20.49 -19.38
C ASN B 280 11.14 -20.42 -17.97
N PRO B 281 12.21 -21.19 -17.73
CA PRO B 281 12.74 -21.43 -16.39
C PRO B 281 12.97 -20.19 -15.54
N ASP B 282 13.48 -19.11 -16.11
CA ASP B 282 13.79 -17.93 -15.30
C ASP B 282 12.91 -16.73 -15.63
N GLY B 283 11.70 -17.02 -16.11
CA GLY B 283 10.73 -16.00 -16.47
C GLY B 283 10.13 -15.28 -15.28
N PHE B 284 10.19 -15.92 -14.11
CA PHE B 284 9.52 -15.40 -12.91
C PHE B 284 10.45 -15.37 -11.68
N LEU B 285 11.60 -14.72 -11.79
CA LEU B 285 12.52 -14.64 -10.67
C LEU B 285 11.92 -13.81 -9.52
N GLY B 286 12.02 -14.32 -8.30
CA GLY B 286 11.55 -13.61 -7.11
C GLY B 286 12.66 -12.89 -6.35
N TYR B 287 12.43 -11.62 -6.03
CA TYR B 287 13.39 -10.83 -5.29
C TYR B 287 12.96 -10.76 -3.83
N PRO B 288 13.90 -11.03 -2.88
CA PRO B 288 13.59 -11.09 -1.45
C PRO B 288 13.11 -9.74 -0.96
N CYS B 289 11.99 -9.72 -0.25
CA CYS B 289 11.34 -8.47 0.15
C CYS B 289 10.27 -8.65 1.25
N ALA B 290 10.07 -7.60 2.05
CA ALA B 290 9.10 -7.65 3.14
C ALA B 290 7.69 -7.24 2.68
N SER B 291 7.62 -6.44 1.61
CA SER B 291 6.35 -5.92 1.13
C SER B 291 6.39 -5.71 -0.38
N TYR B 292 5.25 -5.39 -0.97
CA TYR B 292 5.20 -5.05 -2.39
C TYR B 292 5.73 -3.64 -2.65
N ASP B 293 5.48 -2.72 -1.73
CA ASP B 293 5.91 -1.32 -1.89
C ASP B 293 7.42 -1.19 -1.91
N GLU B 294 8.10 -1.93 -1.03
CA GLU B 294 9.57 -1.90 -0.99
C GLU B 294 10.14 -2.39 -2.32
N PHE B 295 9.44 -3.35 -2.92
CA PHE B 295 9.82 -3.90 -4.22
C PHE B 295 9.59 -2.90 -5.34
N GLN B 296 8.42 -2.26 -5.33
CA GLN B 296 8.07 -1.26 -6.32
C GLN B 296 9.03 -0.07 -6.26
N GLU B 297 9.50 0.25 -5.06
CA GLU B 297 10.42 1.36 -4.85
C GLU B 297 11.88 0.93 -5.01
N SER B 298 12.10 -0.26 -5.58
CA SER B 298 13.44 -0.75 -5.93
C SER B 298 14.41 -0.83 -4.74
N LYS B 299 13.92 -1.31 -3.60
CA LYS B 299 14.75 -1.54 -2.43
C LYS B 299 15.08 -3.01 -2.31
N CYS B 300 14.63 -3.78 -3.28
CA CYS B 300 14.83 -5.22 -3.33
C CYS B 300 15.47 -5.58 -4.68
N PHE B 301 16.65 -5.00 -4.94
CA PHE B 301 17.20 -4.97 -6.29
C PHE B 301 18.71 -4.65 -6.27
N PRO B 302 19.52 -5.37 -7.10
CA PRO B 302 19.19 -6.51 -7.97
C PRO B 302 19.00 -7.81 -7.17
N CYS B 303 19.12 -8.96 -7.81
CA CYS B 303 19.03 -10.22 -7.09
C CYS B 303 20.16 -10.28 -6.06
N PRO B 304 19.99 -11.07 -4.99
CA PRO B 304 21.10 -11.30 -4.06
C PRO B 304 22.30 -11.93 -4.76
N ALA B 305 23.48 -11.76 -4.17
CA ALA B 305 24.73 -12.27 -4.75
C ALA B 305 24.60 -13.71 -5.28
N GLU B 306 23.96 -14.58 -4.49
CA GLU B 306 23.79 -15.98 -4.87
C GLU B 306 22.68 -16.20 -5.91
N GLY B 307 21.85 -15.19 -6.13
CA GLY B 307 20.80 -15.24 -7.15
C GLY B 307 19.39 -15.31 -6.60
N CYS B 308 18.43 -14.88 -7.42
CA CYS B 308 16.99 -15.00 -7.13
C CYS B 308 16.51 -16.44 -7.31
N PRO B 309 15.52 -16.87 -6.50
CA PRO B 309 14.82 -18.12 -6.72
C PRO B 309 13.97 -18.02 -7.97
N LYS B 310 13.85 -19.12 -8.70
CA LYS B 310 13.03 -19.15 -9.91
C LYS B 310 11.64 -19.60 -9.51
N MET B 311 10.68 -18.69 -9.48
CA MET B 311 9.31 -19.05 -9.09
C MET B 311 8.78 -20.10 -10.06
N GLY B 312 8.03 -21.07 -9.54
CA GLY B 312 7.48 -22.10 -10.39
C GLY B 312 8.34 -23.34 -10.41
N HIS B 313 8.33 -24.05 -11.55
CA HIS B 313 8.98 -25.36 -11.66
C HIS B 313 10.41 -25.47 -11.12
N TYR B 314 11.22 -24.44 -11.34
CA TYR B 314 12.64 -24.51 -11.01
C TYR B 314 13.03 -23.87 -9.66
N ALA B 315 12.04 -23.72 -8.77
CA ALA B 315 12.29 -23.19 -7.43
C ALA B 315 13.14 -24.14 -6.58
N ASP B 316 13.04 -25.44 -6.87
CA ASP B 316 13.82 -26.46 -6.17
C ASP B 316 15.31 -26.24 -6.26
N GLN B 317 15.73 -25.41 -7.21
CA GLN B 317 17.14 -25.12 -7.47
C GLN B 317 17.70 -23.92 -6.68
N PHE B 318 16.85 -23.26 -5.90
CA PHE B 318 17.26 -22.11 -5.10
C PHE B 318 18.16 -22.52 -3.92
N LYS B 319 19.40 -22.04 -3.94
CA LYS B 319 20.37 -22.35 -2.89
C LYS B 319 19.90 -21.84 -1.53
N GLY B 320 19.88 -22.73 -0.54
CA GLY B 320 19.39 -22.41 0.79
C GLY B 320 17.90 -22.13 0.76
N LYS B 321 17.16 -22.97 0.03
CA LYS B 321 15.72 -22.86 -0.09
C LYS B 321 15.03 -23.24 1.20
N THR B 322 15.71 -24.03 2.02
CA THR B 322 15.11 -24.54 3.24
C THR B 322 15.81 -24.04 4.51
N SER B 323 16.62 -22.99 4.35
CA SER B 323 17.37 -22.44 5.49
C SER B 323 16.46 -21.74 6.51
N ALA B 324 15.32 -21.24 6.03
CA ALA B 324 14.34 -20.56 6.87
C ALA B 324 12.96 -20.77 6.31
N VAL B 325 11.94 -20.45 7.09
CA VAL B 325 10.55 -20.60 6.65
C VAL B 325 9.94 -19.27 6.25
N GLU B 326 8.86 -19.33 5.46
CA GLU B 326 8.13 -18.14 5.04
C GLU B 326 9.05 -17.08 4.45
N GLN B 327 10.05 -17.52 3.68
CA GLN B 327 10.90 -16.58 2.94
C GLN B 327 10.00 -15.93 1.91
N THR B 328 10.00 -14.59 1.89
CA THR B 328 9.04 -13.84 1.11
C THR B 328 9.69 -13.19 -0.10
N PHE B 329 9.03 -13.32 -1.24
CA PHE B 329 9.54 -12.78 -2.49
C PHE B 329 8.47 -12.04 -3.27
N PHE B 330 8.89 -10.99 -3.98
CA PHE B 330 7.99 -10.18 -4.78
C PHE B 330 8.55 -10.01 -6.18
N LEU B 331 7.66 -9.92 -7.16
CA LEU B 331 8.04 -9.86 -8.55
C LEU B 331 6.87 -9.34 -9.38
N ASN B 332 7.14 -9.08 -10.67
CA ASN B 332 6.09 -8.74 -11.60
C ASN B 332 6.02 -9.72 -12.77
N THR B 333 4.82 -9.90 -13.31
CA THR B 333 4.66 -10.80 -14.44
C THR B 333 4.09 -10.03 -15.61
N GLY B 334 4.05 -10.66 -16.77
CA GLY B 334 3.35 -10.14 -17.93
C GLY B 334 1.85 -10.31 -17.74
N GLU B 335 1.09 -9.77 -18.69
CA GLU B 335 -0.36 -9.78 -18.60
C GLU B 335 -1.02 -10.90 -19.40
N SER B 336 -0.30 -11.42 -20.38
CA SER B 336 -0.85 -12.41 -21.31
C SER B 336 0.26 -13.31 -21.85
N GLY B 337 -0.13 -14.36 -22.57
CA GLY B 337 0.82 -15.22 -23.27
C GLY B 337 1.63 -16.06 -22.31
N ASN B 338 2.96 -15.97 -22.41
CA ASN B 338 3.83 -16.70 -21.48
C ASN B 338 3.90 -16.10 -20.07
N PHE B 339 3.41 -14.86 -19.93
CA PHE B 339 3.43 -14.10 -18.66
C PHE B 339 4.84 -13.78 -18.15
N THR B 340 5.87 -14.05 -18.95
CA THR B 340 7.25 -13.87 -18.49
C THR B 340 7.62 -12.39 -18.42
N SER B 341 8.54 -12.08 -17.52
CA SER B 341 8.95 -10.71 -17.27
C SER B 341 10.27 -10.69 -16.51
N TRP B 342 11.17 -9.82 -16.97
CA TRP B 342 12.45 -9.59 -16.31
C TRP B 342 12.48 -8.15 -15.82
N ARG B 343 12.92 -7.92 -14.59
CA ARG B 343 13.08 -6.56 -14.07
C ARG B 343 14.41 -5.93 -14.49
N TYR B 344 14.33 -4.67 -14.94
CA TYR B 344 15.51 -3.83 -15.16
C TYR B 344 15.32 -2.50 -14.40
N LYS B 345 16.44 -1.84 -14.10
CA LYS B 345 16.42 -0.50 -13.52
C LYS B 345 17.11 0.43 -14.51
N VAL B 346 16.43 1.50 -14.90
CA VAL B 346 16.92 2.38 -15.95
C VAL B 346 17.09 3.82 -15.45
N SER B 347 18.24 4.40 -15.75
CA SER B 347 18.58 5.76 -15.35
C SER B 347 18.86 6.62 -16.58
N VAL B 348 18.19 7.77 -16.69
CA VAL B 348 18.34 8.62 -17.88
C VAL B 348 18.75 10.05 -17.52
N THR B 349 19.87 10.51 -18.11
CA THR B 349 20.31 11.89 -17.98
C THR B 349 20.01 12.64 -19.27
N LEU B 350 19.29 13.76 -19.15
CA LEU B 350 18.89 14.52 -20.33
C LEU B 350 19.90 15.60 -20.73
N SER B 351 19.84 16.01 -22.00
CA SER B 351 20.69 17.07 -22.54
C SER B 351 19.93 17.93 -23.56
N GLY B 352 20.41 19.15 -23.75
CA GLY B 352 19.80 20.09 -24.69
C GLY B 352 19.77 21.51 -24.17
N LYS B 353 19.21 22.43 -24.96
CA LYS B 353 19.21 23.85 -24.61
C LYS B 353 17.97 24.32 -23.83
N GLU B 354 16.87 23.56 -23.91
CA GLU B 354 15.58 24.00 -23.36
C GLU B 354 14.90 23.00 -22.43
N LYS B 355 14.24 23.54 -21.39
CA LYS B 355 13.34 22.76 -20.56
C LYS B 355 12.02 22.57 -21.32
N VAL B 356 11.64 21.32 -21.55
CA VAL B 356 10.48 20.97 -22.38
C VAL B 356 9.49 20.08 -21.61
N ASN B 357 8.22 20.11 -22.01
CA ASN B 357 7.18 19.32 -21.34
C ASN B 357 6.66 18.15 -22.19
N GLY B 358 7.10 16.94 -21.85
CA GLY B 358 6.69 15.72 -22.55
C GLY B 358 7.02 14.41 -21.85
N TYR B 359 7.03 13.33 -22.63
CA TYR B 359 7.33 11.99 -22.13
C TYR B 359 8.80 11.63 -22.40
N ILE B 360 9.32 10.69 -21.62
CA ILE B 360 10.60 10.06 -21.89
C ILE B 360 10.39 8.56 -22.03
N ARG B 361 10.74 8.02 -23.18
CA ARG B 361 10.67 6.58 -23.44
C ARG B 361 12.07 6.03 -23.71
N ILE B 362 12.22 4.72 -23.55
CA ILE B 362 13.49 4.05 -23.72
C ILE B 362 13.25 2.66 -24.33
N ALA B 363 14.26 2.10 -24.97
CA ALA B 363 14.14 0.74 -25.51
C ALA B 363 15.48 0.03 -25.48
N LEU B 364 15.45 -1.25 -25.09
CA LEU B 364 16.64 -2.05 -24.97
C LEU B 364 16.91 -2.84 -26.24
N TYR B 365 18.19 -2.91 -26.61
CA TYR B 365 18.58 -3.59 -27.84
C TYR B 365 19.63 -4.67 -27.59
N GLY B 366 19.19 -5.93 -27.66
CA GLY B 366 20.10 -7.08 -27.62
C GLY B 366 20.79 -7.30 -28.97
N SER B 367 21.67 -8.30 -29.05
CA SER B 367 22.40 -8.53 -30.29
C SER B 367 21.52 -9.09 -31.42
N ASN B 368 20.34 -9.58 -31.07
CA ASN B 368 19.40 -10.14 -32.04
C ASN B 368 17.96 -9.66 -31.89
N GLU B 369 17.45 -9.75 -30.67
CA GLU B 369 16.11 -9.28 -30.36
C GLU B 369 16.15 -7.94 -29.62
N ASN B 370 15.08 -7.16 -29.72
CA ASN B 370 15.00 -5.87 -29.02
C ASN B 370 13.63 -5.63 -28.41
N SER B 371 13.58 -4.74 -27.42
CA SER B 371 12.37 -4.49 -26.63
C SER B 371 11.50 -3.35 -27.15
N LYS B 372 10.26 -3.36 -26.68
CA LYS B 372 9.33 -2.24 -26.81
C LYS B 372 9.94 -0.94 -26.25
N GLN B 373 9.29 0.19 -26.50
CA GLN B 373 9.63 1.46 -25.84
C GLN B 373 8.98 1.53 -24.46
N TYR B 374 9.79 1.70 -23.42
CA TYR B 374 9.31 1.77 -22.05
C TYR B 374 9.34 3.18 -21.53
N GLU B 375 8.21 3.62 -20.94
CA GLU B 375 8.13 4.97 -20.38
C GLU B 375 8.90 5.09 -19.07
N ILE B 376 9.75 6.11 -19.00
CA ILE B 376 10.71 6.25 -17.91
C ILE B 376 10.32 7.41 -17.00
N PHE B 377 9.89 8.53 -17.59
CA PHE B 377 9.46 9.72 -16.84
C PHE B 377 8.41 10.53 -17.62
N LYS B 378 7.65 11.35 -16.88
CA LYS B 378 6.57 12.15 -17.43
C LYS B 378 6.53 13.50 -16.69
N GLY B 379 6.48 14.59 -17.46
CA GLY B 379 6.41 15.95 -16.89
C GLY B 379 7.47 16.90 -17.43
N SER B 380 8.07 17.68 -16.54
CA SER B 380 9.12 18.64 -16.90
C SER B 380 10.45 17.94 -17.18
N LEU B 381 10.95 18.13 -18.41
CA LEU B 381 12.17 17.45 -18.88
C LEU B 381 13.36 18.39 -18.97
N LYS B 382 13.75 18.98 -17.84
CA LYS B 382 14.90 19.89 -17.82
C LYS B 382 16.19 19.14 -18.22
N PRO B 383 17.00 19.75 -19.11
CA PRO B 383 18.30 19.20 -19.47
C PRO B 383 19.28 19.19 -18.29
N ASP B 384 20.17 18.21 -18.29
CA ASP B 384 21.16 18.01 -17.22
C ASP B 384 20.58 17.28 -16.01
N ALA B 385 19.25 17.14 -15.99
CA ALA B 385 18.55 16.38 -14.96
C ALA B 385 18.53 14.90 -15.32
N SER B 386 18.29 14.05 -14.33
CA SER B 386 18.23 12.61 -14.57
C SER B 386 17.06 11.92 -13.86
N HIS B 387 16.53 10.87 -14.49
CA HIS B 387 15.37 10.13 -13.96
C HIS B 387 15.62 8.62 -13.89
N THR B 388 14.91 7.95 -12.99
CA THR B 388 15.06 6.51 -12.82
C THR B 388 13.69 5.85 -12.72
N CYS B 389 13.47 4.85 -13.57
CA CYS B 389 12.28 4.02 -13.46
C CYS B 389 12.70 2.57 -13.54
N ALA B 390 12.06 1.72 -12.76
CA ALA B 390 12.24 0.28 -12.89
C ALA B 390 11.20 -0.23 -13.87
N ILE B 391 11.63 -1.07 -14.80
CA ILE B 391 10.72 -1.54 -15.85
C ILE B 391 10.55 -3.06 -15.82
N ASP B 392 9.44 -3.52 -16.37
CA ASP B 392 9.19 -4.96 -16.53
C ASP B 392 9.24 -5.33 -18.02
N VAL B 393 10.28 -6.06 -18.40
CA VAL B 393 10.48 -6.43 -19.80
C VAL B 393 9.95 -7.84 -20.06
N ASP B 394 9.17 -7.99 -21.13
CA ASP B 394 8.46 -9.25 -21.43
C ASP B 394 9.33 -10.44 -21.89
N PHE B 395 10.57 -10.16 -22.32
CA PHE B 395 11.46 -11.23 -22.79
C PHE B 395 12.93 -11.01 -22.35
N ASN B 396 13.73 -12.08 -22.44
CA ASN B 396 15.12 -12.01 -21.99
C ASN B 396 16.04 -11.47 -23.07
N VAL B 397 16.44 -10.22 -22.90
CA VAL B 397 17.18 -9.51 -23.94
C VAL B 397 18.64 -9.98 -24.06
N GLY B 398 19.19 -10.52 -22.98
CA GLY B 398 20.60 -10.93 -22.92
C GLY B 398 21.51 -9.72 -22.82
N LYS B 399 22.79 -9.89 -23.16
CA LYS B 399 23.73 -8.79 -23.16
C LYS B 399 23.15 -7.63 -23.97
N ILE B 400 23.06 -6.46 -23.34
CA ILE B 400 22.48 -5.27 -23.98
C ILE B 400 23.53 -4.53 -24.78
N GLN B 401 23.29 -4.45 -26.09
CA GLN B 401 24.26 -3.95 -27.06
C GLN B 401 24.15 -2.46 -27.34
N LYS B 402 22.95 -1.92 -27.13
CA LYS B 402 22.61 -0.54 -27.49
C LYS B 402 21.31 -0.18 -26.80
N VAL B 403 21.11 1.10 -26.51
CA VAL B 403 19.79 1.56 -26.07
C VAL B 403 19.34 2.75 -26.90
N LYS B 404 18.03 2.89 -27.04
CA LYS B 404 17.46 4.02 -27.78
C LYS B 404 16.45 4.81 -26.96
N PHE B 405 16.47 6.13 -27.17
CA PHE B 405 15.75 7.08 -26.35
C PHE B 405 14.80 7.89 -27.22
N LEU B 406 13.58 8.07 -26.75
CA LEU B 406 12.54 8.79 -27.49
C LEU B 406 11.73 9.66 -26.54
N TRP B 407 11.55 10.92 -26.92
CA TRP B 407 10.73 11.86 -26.17
C TRP B 407 9.66 12.47 -27.08
N ASN B 408 8.49 12.81 -26.52
CA ASN B 408 7.44 13.46 -27.31
C ASN B 408 6.52 14.41 -26.53
N LYS B 409 6.35 15.62 -27.08
CA LYS B 409 5.56 16.67 -26.45
C LYS B 409 4.06 16.39 -26.55
N SER B 415 6.11 25.65 -31.15
CA SER B 415 7.52 25.48 -30.79
C SER B 415 8.03 24.12 -31.26
N GLU B 416 9.24 24.13 -31.84
CA GLU B 416 9.85 22.91 -32.39
C GLU B 416 11.24 22.64 -31.77
N PRO B 417 11.26 22.06 -30.56
CA PRO B 417 12.49 21.89 -29.77
C PRO B 417 13.24 20.57 -29.99
N LYS B 418 14.47 20.50 -29.46
CA LYS B 418 15.40 19.40 -29.71
C LYS B 418 16.07 18.97 -28.40
N LEU B 419 15.84 17.72 -27.99
CA LEU B 419 16.26 17.20 -26.68
C LEU B 419 16.73 15.74 -26.77
N GLY B 420 17.79 15.41 -26.02
CA GLY B 420 18.37 14.07 -26.06
C GLY B 420 18.79 13.49 -24.72
N ALA B 421 19.56 12.40 -24.77
CA ALA B 421 20.03 11.71 -23.56
C ALA B 421 21.56 11.68 -23.48
N SER B 422 22.12 12.34 -22.47
CA SER B 422 23.58 12.35 -22.25
C SER B 422 24.08 10.94 -21.95
N GLN B 423 23.39 10.28 -21.03
CA GLN B 423 23.75 8.94 -20.56
C GLN B 423 22.51 8.13 -20.21
N ILE B 424 22.60 6.83 -20.43
CA ILE B 424 21.63 5.89 -19.87
C ILE B 424 22.39 4.77 -19.18
N THR B 425 21.95 4.44 -17.96
CA THR B 425 22.43 3.26 -17.25
C THR B 425 21.29 2.25 -17.12
N VAL B 426 21.57 0.99 -17.46
CA VAL B 426 20.58 -0.08 -17.29
C VAL B 426 21.19 -1.20 -16.46
N GLN B 427 20.45 -1.60 -15.42
CA GLN B 427 20.83 -2.74 -14.59
C GLN B 427 19.74 -3.78 -14.69
N SER B 428 20.13 -5.02 -14.94
CA SER B 428 19.19 -6.14 -14.91
C SER B 428 19.01 -6.66 -13.49
N GLY B 429 17.93 -7.37 -13.25
CA GLY B 429 17.72 -7.97 -11.94
C GLY B 429 18.53 -9.24 -11.77
N GLU B 430 18.53 -10.05 -12.82
CA GLU B 430 18.99 -11.45 -12.76
C GLU B 430 20.41 -11.63 -12.21
N ASP B 431 21.38 -10.99 -12.84
CA ASP B 431 22.77 -11.06 -12.38
C ASP B 431 23.25 -9.74 -11.76
N GLY B 432 22.60 -8.64 -12.15
CA GLY B 432 22.90 -7.33 -11.57
C GLY B 432 23.89 -6.52 -12.38
N THR B 433 24.24 -7.03 -13.56
CA THR B 433 25.17 -6.38 -14.47
C THR B 433 24.67 -4.98 -14.84
N GLU B 434 25.57 -4.01 -14.84
CA GLU B 434 25.25 -2.65 -15.26
C GLU B 434 25.87 -2.33 -16.61
N TYR B 435 25.02 -1.85 -17.52
CA TYR B 435 25.47 -1.39 -18.83
C TYR B 435 25.26 0.11 -18.88
N ASN B 436 26.28 0.83 -19.33
CA ASN B 436 26.20 2.27 -19.44
C ASN B 436 26.37 2.73 -20.89
N PHE B 437 25.64 3.77 -21.25
CA PHE B 437 25.56 4.22 -22.64
C PHE B 437 25.76 5.73 -22.75
N CYS B 438 26.08 6.19 -23.96
CA CYS B 438 26.51 7.58 -24.15
C CYS B 438 26.09 8.14 -25.49
N SER B 439 25.83 9.45 -25.52
CA SER B 439 25.60 10.18 -26.76
C SER B 439 25.65 11.67 -26.58
N SER B 440 26.13 12.35 -27.61
CA SER B 440 26.23 13.80 -27.63
C SER B 440 25.07 14.42 -28.40
N ASP B 441 24.22 13.56 -28.96
CA ASP B 441 23.11 14.04 -29.78
C ASP B 441 21.94 14.55 -28.95
N THR B 442 21.07 15.32 -29.62
CA THR B 442 19.82 15.83 -29.06
C THR B 442 18.79 15.84 -30.18
N VAL B 443 17.97 14.79 -30.25
CA VAL B 443 17.01 14.63 -31.35
C VAL B 443 15.66 15.35 -31.10
N GLU B 444 14.85 15.42 -32.15
CA GLU B 444 13.54 16.06 -32.07
C GLU B 444 12.47 15.11 -31.51
N GLU B 445 11.24 15.62 -31.41
CA GLU B 445 10.08 14.85 -30.96
C GLU B 445 9.86 13.64 -31.85
N ASN B 446 9.63 12.48 -31.21
CA ASN B 446 9.40 11.22 -31.93
C ASN B 446 10.53 10.78 -32.85
N VAL B 447 11.76 10.84 -32.35
CA VAL B 447 12.92 10.39 -33.10
C VAL B 447 13.75 9.46 -32.22
N LEU B 448 14.04 8.26 -32.74
CA LEU B 448 14.84 7.30 -31.99
C LEU B 448 16.32 7.67 -31.96
N GLN B 449 16.78 8.10 -30.79
CA GLN B 449 18.19 8.42 -30.56
C GLN B 449 18.92 7.16 -30.13
N SER B 450 20.05 6.89 -30.78
CA SER B 450 20.87 5.74 -30.43
C SER B 450 21.94 6.14 -29.41
N LEU B 451 22.17 5.27 -28.44
CA LEU B 451 23.21 5.46 -27.44
C LEU B 451 24.08 4.21 -27.36
N TYR B 452 25.38 4.39 -27.16
CA TYR B 452 26.37 3.33 -27.36
C TYR B 452 27.20 3.00 -26.10
N PRO B 453 27.74 1.77 -26.00
CA PRO B 453 28.65 1.38 -24.92
C PRO B 453 29.77 2.38 -24.66
N CYS B 454 29.94 2.75 -23.40
CA CYS B 454 31.00 3.66 -22.98
C CYS B 454 31.49 3.33 -21.57
C1 NAG C . 8.14 20.51 21.04
C2 NAG C . 9.17 21.47 21.65
C3 NAG C . 10.52 21.20 20.95
C4 NAG C . 11.01 19.84 21.42
C5 NAG C . 9.92 18.76 21.17
C6 NAG C . 9.56 17.99 22.44
C7 NAG C . 8.57 23.71 20.69
C8 NAG C . 8.40 25.15 21.07
N2 NAG C . 8.73 22.86 21.73
O3 NAG C . 11.46 22.21 21.23
O4 NAG C . 12.24 19.48 20.82
O5 NAG C . 8.75 19.31 20.56
O6 NAG C . 9.95 16.64 22.31
O7 NAG C . 8.56 23.36 19.50
C1 NAG C . 13.29 19.44 21.82
C2 NAG C . 14.18 18.22 21.59
C3 NAG C . 15.41 18.24 22.51
C4 NAG C . 16.13 19.56 22.24
C5 NAG C . 15.19 20.72 22.62
C6 NAG C . 15.85 22.08 22.44
C7 NAG C . 13.44 16.05 20.77
C8 NAG C . 12.99 14.67 21.17
N2 NAG C . 13.42 16.99 21.73
O3 NAG C . 16.24 17.15 22.23
O4 NAG C . 17.48 19.69 22.72
O5 NAG C . 14.04 20.65 21.80
O6 NAG C . 14.91 23.11 22.68
O7 NAG C . 13.78 16.26 19.61
C1 MAN C . 17.77 19.29 24.08
C2 MAN C . 18.50 20.45 24.77
C3 MAN C . 20.02 20.28 25.02
C4 MAN C . 20.68 18.99 24.51
C5 MAN C . 19.79 18.25 23.52
C6 MAN C . 20.37 16.90 23.10
O2 MAN C . 17.82 20.75 25.97
O3 MAN C . 20.29 20.42 26.41
O4 MAN C . 21.93 19.31 23.92
O5 MAN C . 18.53 18.09 24.13
O6 MAN C . 19.96 15.90 23.99
C1 MAN C . 21.54 21.09 26.74
C2 MAN C . 21.34 21.85 28.06
C3 MAN C . 20.57 23.14 27.82
C4 MAN C . 21.20 24.02 26.74
C5 MAN C . 21.72 23.25 25.51
C6 MAN C . 22.91 24.00 24.90
O2 MAN C . 22.58 22.10 28.68
O3 MAN C . 20.47 23.89 29.02
O4 MAN C . 20.23 24.98 26.34
O5 MAN C . 22.13 21.90 25.72
O6 MAN C . 22.70 24.25 23.52
C1 MAN C . 20.64 14.68 23.66
C2 MAN C . 19.64 13.53 23.54
C3 MAN C . 18.99 13.27 24.89
C4 MAN C . 20.00 13.18 26.06
C5 MAN C . 21.23 14.10 25.93
C6 MAN C . 22.42 13.53 26.70
O2 MAN C . 20.29 12.37 23.06
O3 MAN C . 18.22 12.10 24.82
O4 MAN C . 19.33 13.51 27.25
O5 MAN C . 21.65 14.33 24.59
O6 MAN C . 22.40 13.98 28.04
C1 NAG D . 6.15 -14.41 -24.59
C2 NAG D . 7.23 -14.53 -25.69
C3 NAG D . 8.10 -13.26 -25.75
C4 NAG D . 7.20 -12.03 -25.96
C5 NAG D . 6.12 -12.06 -24.87
C6 NAG D . 5.14 -10.88 -24.91
C7 NAG D . 9.13 -15.96 -24.89
C8 NAG D . 10.30 -16.54 -25.65
N2 NAG D . 8.02 -15.77 -25.61
O3 NAG D . 9.06 -13.36 -26.77
O4 NAG D . 7.98 -10.85 -25.92
O5 NAG D . 5.38 -13.27 -24.95
O6 NAG D . 3.99 -11.21 -25.64
O7 NAG D . 9.22 -15.69 -23.68
C1 NAG D . 8.05 -10.22 -27.23
C2 NAG D . 7.86 -8.70 -27.13
C3 NAG D . 7.82 -8.09 -28.54
C4 NAG D . 9.00 -8.54 -29.43
C5 NAG D . 9.33 -10.03 -29.25
C6 NAG D . 10.71 -10.34 -29.85
C7 NAG D . 6.55 -7.35 -25.52
C8 NAG D . 5.15 -6.96 -25.12
N2 NAG D . 6.64 -8.35 -26.40
O3 NAG D . 7.81 -6.68 -28.45
O4 NAG D . 8.62 -8.33 -30.78
O5 NAG D . 9.28 -10.47 -27.89
O6 NAG D . 11.10 -11.67 -29.53
O7 NAG D . 7.52 -6.75 -25.05
C1 MAN D . 9.06 -7.12 -31.43
C2 MAN D . 10.08 -7.52 -32.50
C3 MAN D . 11.19 -6.48 -32.59
C4 MAN D . 10.60 -5.06 -32.60
C5 MAN D . 10.06 -4.86 -31.17
C6 MAN D . 9.12 -3.66 -31.02
O2 MAN D . 9.38 -7.64 -33.73
O3 MAN D . 12.20 -6.83 -33.55
O4 MAN D . 11.57 -4.08 -32.88
O5 MAN D . 9.51 -6.04 -30.58
O6 MAN D . 7.89 -3.82 -31.69
C1 MAN D . 12.16 -6.38 -34.91
C2 MAN D . 11.73 -7.51 -35.85
C3 MAN D . 12.70 -8.70 -35.75
C4 MAN D . 14.18 -8.27 -35.74
C5 MAN D . 14.44 -6.95 -34.99
C6 MAN D . 15.85 -6.39 -35.22
O2 MAN D . 11.67 -7.05 -37.20
O3 MAN D . 12.45 -9.61 -36.81
O4 MAN D . 14.93 -9.31 -35.14
O5 MAN D . 13.46 -5.96 -35.31
O6 MAN D . 16.65 -6.58 -34.07
C1 MAN D . 7.65 -2.67 -32.55
C2 MAN D . 7.20 -1.44 -31.75
C3 MAN D . 5.73 -1.55 -31.32
C4 MAN D . 4.80 -2.03 -32.45
C5 MAN D . 5.41 -3.20 -33.23
C6 MAN D . 4.58 -3.52 -34.48
O2 MAN D . 7.43 -0.27 -32.52
O3 MAN D . 5.28 -0.32 -30.81
O4 MAN D . 3.57 -2.42 -31.89
O5 MAN D . 6.74 -2.92 -33.62
O6 MAN D . 4.16 -4.87 -34.45
CA CA E . -19.69 20.66 -1.90
CL CL F . -15.40 32.18 31.33
CL CL G . -16.60 13.70 29.12
CA CA H . -0.30 -29.34 7.54
CL CL I . -5.06 -5.30 -15.65
CL CL J . -14.62 -29.95 -21.27
CL CL K . -0.63 -41.48 -26.19
#